data_5OBH
#
_entry.id   5OBH
#
_cell.length_a   71.243
_cell.length_b   132.236
_cell.length_c   132.631
_cell.angle_alpha   90.00
_cell.angle_beta   90.00
_cell.angle_gamma   90.00
#
_symmetry.space_group_name_H-M   'P 21 21 21'
#
loop_
_entity.id
_entity.type
_entity.pdbx_description
1 polymer 'Soluble acetylcholine receptor'
2 branched 2-acetamido-2-deoxy-beta-D-glucopyranose-(1-4)-2-acetamido-2-deoxy-beta-D-glucopyranose-(1-4)-2-acetamido-2-deoxy-beta-D-glucopyranose
3 non-polymer (5S)-6,6-dimethyl-5-[(6R)-8-oxo-6,8-dihydrofuro[3,4-e][1,3]benzodioxol-6-yl]-5,6,7,8-tetrahydro[1,3]dioxolo[4,5-g]isoquinolin-6-ium
4 non-polymer 'CHLORIDE ION'
5 non-polymer 2-acetamido-2-deoxy-beta-D-glucopyranose
6 water water
#
_entity_poly.entity_id   1
_entity_poly.type   'polypeptide(L)'
_entity_poly.pdbx_seq_one_letter_code
;MLVSVYLALLVACVGQAHSQANLMRLKSDLFNRSPMYPGPTKDDPLTVTLGFFLQDIVKVDSSTNEVDLVYYERQRWKLN
SLMWDPNEYGNITDFRTSAADIWTPDITAASSTRPVQVLSPQIAVVTHDGSVMFSPAQRLSFMCDPTGVDSEEGVTCAVK
FESWVYSGFEIDLKTDTDQVDLSSYYASSKYEILSATQTRQVQHYKGTGEPYIDVNLVVKFRERRAGNGFFRNLFDENLY
FQGHHHHHH
;
_entity_poly.pdbx_strand_id   A,B,C,D,E
#
loop_
_chem_comp.id
_chem_comp.type
_chem_comp.name
_chem_comp.formula
CL non-polymer 'CHLORIDE ION' 'Cl -1'
J94 non-polymer (5S)-6,6-dimethyl-5-[(6R)-8-oxo-6,8-dihydrofuro[3,4-e][1,3]benzodioxol-6-yl]-5,6,7,8-tetrahydro[1,3]dioxolo[4,5-g]isoquinolin-6-ium 'C21 H20 N O6 1'
NAG D-saccharide, beta linking 2-acetamido-2-deoxy-beta-D-glucopyranose 'C8 H15 N O6'
#
# COMPACT_ATOMS: atom_id res chain seq x y z
N GLN A 20 8.10 -21.60 -26.79
CA GLN A 20 8.66 -21.20 -25.46
C GLN A 20 10.16 -20.89 -25.56
N ALA A 21 10.91 -21.82 -26.14
CA ALA A 21 12.37 -21.73 -26.26
C ALA A 21 12.83 -20.48 -27.01
N ASN A 22 12.22 -20.22 -28.15
CA ASN A 22 12.55 -19.04 -28.95
C ASN A 22 12.21 -17.72 -28.23
N LEU A 23 11.06 -17.67 -27.56
CA LEU A 23 10.64 -16.47 -26.83
C LEU A 23 11.58 -16.16 -25.66
N MET A 24 11.94 -17.18 -24.88
CA MET A 24 12.92 -17.03 -23.79
C MET A 24 14.27 -16.48 -24.28
N ARG A 25 14.72 -16.97 -25.44
CA ARG A 25 15.92 -16.44 -26.12
C ARG A 25 15.78 -14.97 -26.48
N LEU A 26 14.68 -14.64 -27.15
CA LEU A 26 14.38 -13.27 -27.58
C LEU A 26 14.35 -12.29 -26.39
N LYS A 27 13.70 -12.70 -25.31
CA LYS A 27 13.62 -11.85 -24.12
C LYS A 27 14.98 -11.69 -23.47
N SER A 28 15.72 -12.81 -23.40
CA SER A 28 17.11 -12.79 -22.90
C SER A 28 17.98 -11.82 -23.71
N ASP A 29 17.90 -11.92 -25.04
CA ASP A 29 18.68 -11.04 -25.92
C ASP A 29 18.35 -9.55 -25.78
N LEU A 30 17.07 -9.22 -25.60
CA LEU A 30 16.65 -7.80 -25.48
C LEU A 30 16.89 -7.19 -24.11
N PHE A 31 16.65 -7.97 -23.04
CA PHE A 31 16.60 -7.43 -21.66
C PHE A 31 17.82 -7.69 -20.77
N ASN A 32 18.38 -8.89 -20.85
CA ASN A 32 19.54 -9.26 -20.01
C ASN A 32 20.85 -8.63 -20.49
N ARG A 33 21.01 -8.51 -21.82
CA ARG A 33 22.22 -7.92 -22.43
C ARG A 33 22.27 -6.41 -22.16
N SER A 34 21.30 -5.67 -22.70
CA SER A 34 21.33 -4.21 -22.65
C SER A 34 20.85 -3.71 -21.28
N PRO A 35 21.21 -2.45 -20.92
CA PRO A 35 20.46 -1.80 -19.87
C PRO A 35 19.12 -1.31 -20.43
N MET A 36 18.21 -0.97 -19.53
CA MET A 36 16.91 -0.44 -19.92
C MET A 36 17.07 0.92 -20.60
N TYR A 37 16.15 1.23 -21.51
CA TYR A 37 16.11 2.55 -22.16
C TYR A 37 15.97 3.61 -21.06
N PRO A 38 16.88 4.61 -21.03
CA PRO A 38 16.90 5.61 -19.96
C PRO A 38 15.90 6.76 -20.11
N GLY A 39 15.15 6.77 -21.19
CA GLY A 39 14.18 7.83 -21.47
C GLY A 39 14.73 8.76 -22.56
N PRO A 40 13.88 9.64 -23.09
CA PRO A 40 14.28 10.56 -24.15
C PRO A 40 15.17 11.72 -23.68
N THR A 41 15.83 12.38 -24.62
CA THR A 41 16.55 13.64 -24.39
C THR A 41 16.20 14.64 -25.49
N LYS A 42 16.70 15.88 -25.40
CA LYS A 42 16.37 16.90 -26.39
C LYS A 42 16.80 16.52 -27.81
N ASP A 43 17.91 15.80 -27.95
CA ASP A 43 18.40 15.36 -29.27
C ASP A 43 17.84 14.01 -29.74
N ASP A 44 17.25 13.24 -28.83
CA ASP A 44 16.57 11.97 -29.17
C ASP A 44 15.16 11.93 -28.55
N PRO A 45 14.23 12.77 -29.05
CA PRO A 45 12.89 12.80 -28.51
C PRO A 45 12.06 11.56 -28.84
N LEU A 46 10.97 11.41 -28.10
CA LEU A 46 10.08 10.28 -28.23
C LEU A 46 8.65 10.80 -28.39
N THR A 47 7.95 10.24 -29.37
CA THR A 47 6.53 10.49 -29.55
C THR A 47 5.73 9.37 -28.90
N VAL A 48 4.81 9.77 -28.03
CA VAL A 48 3.89 8.85 -27.38
C VAL A 48 2.49 9.18 -27.85
N THR A 49 1.80 8.20 -28.39
CA THR A 49 0.44 8.36 -28.89
C THR A 49 -0.55 7.81 -27.86
N LEU A 50 -1.53 8.64 -27.49
CA LEU A 50 -2.54 8.30 -26.49
C LEU A 50 -3.93 8.17 -27.12
N GLY A 51 -4.71 7.23 -26.61
CA GLY A 51 -6.13 7.13 -26.91
C GLY A 51 -6.88 6.68 -25.66
N PHE A 52 -7.98 7.37 -25.36
CA PHE A 52 -8.81 7.07 -24.19
C PHE A 52 -10.06 6.28 -24.58
N PHE A 53 -10.39 5.30 -23.75
CA PHE A 53 -11.55 4.43 -23.91
C PHE A 53 -12.34 4.54 -22.62
N LEU A 54 -13.33 5.42 -22.63
CA LEU A 54 -14.09 5.75 -21.43
C LEU A 54 -15.12 4.66 -21.11
N GLN A 55 -15.08 4.14 -19.88
CA GLN A 55 -15.96 3.05 -19.44
C GLN A 55 -17.12 3.50 -18.56
N ASP A 56 -16.90 4.46 -17.66
CA ASP A 56 -17.94 4.89 -16.71
C ASP A 56 -17.57 6.20 -16.03
N ILE A 57 -18.54 7.10 -15.92
CA ILE A 57 -18.48 8.15 -14.91
C ILE A 57 -19.18 7.54 -13.70
N VAL A 58 -18.39 7.24 -12.66
CA VAL A 58 -18.88 6.42 -11.56
C VAL A 58 -19.56 7.26 -10.51
N LYS A 59 -18.96 8.40 -10.19
CA LYS A 59 -19.59 9.31 -9.25
C LYS A 59 -19.18 10.76 -9.45
N VAL A 60 -19.99 11.60 -8.82
CA VAL A 60 -19.90 13.03 -8.87
C VAL A 60 -20.03 13.49 -7.41
N ASP A 61 -19.22 14.46 -7.02
CA ASP A 61 -19.31 15.06 -5.69
C ASP A 61 -19.42 16.57 -5.85
N SER A 62 -20.63 17.08 -5.70
CA SER A 62 -20.93 18.51 -5.85
C SER A 62 -20.51 19.34 -4.65
N SER A 63 -20.17 18.71 -3.53
CA SER A 63 -19.66 19.44 -2.37
C SER A 63 -18.14 19.66 -2.43
N THR A 64 -17.41 18.83 -3.20
CA THR A 64 -15.95 18.99 -3.38
C THR A 64 -15.51 19.27 -4.82
N ASN A 65 -16.45 19.27 -5.76
CA ASN A 65 -16.15 19.37 -7.19
C ASN A 65 -15.07 18.36 -7.63
N GLU A 66 -15.31 17.11 -7.28
CA GLU A 66 -14.54 15.96 -7.74
C GLU A 66 -15.46 15.05 -8.55
N VAL A 67 -14.97 14.54 -9.67
CA VAL A 67 -15.67 13.53 -10.44
C VAL A 67 -14.74 12.33 -10.68
N ASP A 68 -15.30 11.13 -10.64
CA ASP A 68 -14.55 9.89 -10.75
C ASP A 68 -14.81 9.22 -12.09
N LEU A 69 -13.76 8.99 -12.87
CA LEU A 69 -13.85 8.28 -14.15
C LEU A 69 -13.16 6.95 -14.07
N VAL A 70 -13.74 5.96 -14.76
CA VAL A 70 -13.09 4.69 -15.05
C VAL A 70 -12.92 4.64 -16.56
N TYR A 71 -11.69 4.35 -16.98
CA TYR A 71 -11.32 4.28 -18.39
C TYR A 71 -10.09 3.43 -18.55
N TYR A 72 -9.79 3.03 -19.79
CA TYR A 72 -8.43 2.61 -20.12
C TYR A 72 -7.82 3.52 -21.16
N GLU A 73 -6.50 3.53 -21.16
CA GLU A 73 -5.70 4.53 -21.83
C GLU A 73 -4.66 3.80 -22.66
N ARG A 74 -4.89 3.71 -23.97
CA ARG A 74 -3.93 3.06 -24.88
C ARG A 74 -2.72 3.98 -25.14
N GLN A 75 -1.53 3.49 -24.83
CA GLN A 75 -0.27 4.24 -25.01
C GLN A 75 0.64 3.51 -25.99
N ARG A 76 1.15 4.22 -26.99
CA ARG A 76 2.02 3.65 -28.02
C ARG A 76 3.27 4.49 -28.24
N TRP A 77 4.40 3.82 -28.29
CA TRP A 77 5.68 4.46 -28.63
C TRP A 77 6.57 3.40 -29.30
N LYS A 78 7.71 3.83 -29.79
CA LYS A 78 8.58 2.97 -30.59
C LYS A 78 10.07 3.21 -30.26
N LEU A 79 10.80 2.11 -30.01
CA LEU A 79 12.23 2.18 -29.69
C LEU A 79 13.07 1.22 -30.56
N ASN A 80 14.13 1.74 -31.18
CA ASN A 80 15.09 0.91 -31.94
C ASN A 80 15.66 -0.27 -31.15
N SER A 81 15.94 -0.07 -29.86
CA SER A 81 16.55 -1.11 -29.02
C SER A 81 15.65 -2.32 -28.74
N LEU A 82 14.36 -2.21 -29.06
CA LEU A 82 13.41 -3.32 -28.95
C LEU A 82 13.05 -3.99 -30.29
N MET A 83 13.81 -3.71 -31.35
CA MET A 83 13.58 -4.33 -32.66
C MET A 83 14.22 -5.71 -32.71
N TRP A 84 13.62 -6.61 -33.49
CA TRP A 84 14.26 -7.87 -33.86
C TRP A 84 13.74 -8.33 -35.22
N ASP A 85 14.49 -9.27 -35.80
CA ASP A 85 14.09 -9.97 -37.03
C ASP A 85 13.34 -11.23 -36.59
N PRO A 86 12.05 -11.36 -36.93
CA PRO A 86 11.29 -12.58 -36.63
C PRO A 86 11.96 -13.91 -37.05
N ASN A 87 12.67 -13.91 -38.18
CA ASN A 87 13.36 -15.11 -38.70
C ASN A 87 14.43 -15.70 -37.77
N GLU A 88 15.13 -14.83 -37.03
CA GLU A 88 16.10 -15.29 -36.03
C GLU A 88 15.46 -15.86 -34.75
N TYR A 89 14.14 -15.74 -34.61
CA TYR A 89 13.42 -16.16 -33.39
C TYR A 89 12.10 -16.88 -33.69
N GLY A 90 12.17 -17.89 -34.54
CA GLY A 90 11.02 -18.76 -34.85
C GLY A 90 9.79 -18.04 -35.36
N ASN A 91 10.00 -16.96 -36.11
CA ASN A 91 8.93 -16.11 -36.67
C ASN A 91 7.99 -15.48 -35.62
N ILE A 92 8.51 -15.23 -34.41
CA ILE A 92 7.78 -14.47 -33.41
C ILE A 92 7.73 -13.00 -33.86
N THR A 93 6.51 -12.49 -34.02
CA THR A 93 6.28 -11.10 -34.42
C THR A 93 6.00 -10.14 -33.26
N ASP A 94 5.55 -10.69 -32.12
CA ASP A 94 5.34 -9.90 -30.90
C ASP A 94 5.20 -10.78 -29.67
N PHE A 95 5.34 -10.16 -28.51
CA PHE A 95 5.18 -10.86 -27.23
C PHE A 95 4.68 -9.92 -26.14
N ARG A 96 4.31 -10.53 -25.02
CA ARG A 96 3.82 -9.83 -23.85
C ARG A 96 4.85 -9.93 -22.75
N THR A 97 5.00 -8.87 -21.97
CA THR A 97 5.93 -8.88 -20.85
C THR A 97 5.53 -7.84 -19.81
N SER A 98 5.96 -8.08 -18.58
CA SER A 98 5.71 -7.17 -17.47
C SER A 98 6.21 -5.76 -17.83
N ALA A 99 5.42 -4.75 -17.48
CA ALA A 99 5.80 -3.35 -17.68
C ALA A 99 7.04 -2.94 -16.88
N ALA A 100 7.37 -3.69 -15.85
CA ALA A 100 8.62 -3.49 -15.10
C ALA A 100 9.88 -3.81 -15.92
N ASP A 101 9.76 -4.68 -16.92
CA ASP A 101 10.88 -5.04 -17.80
C ASP A 101 11.30 -3.95 -18.80
N ILE A 102 10.45 -2.94 -19.00
CA ILE A 102 10.71 -1.87 -19.98
C ILE A 102 10.43 -0.48 -19.41
N TRP A 103 10.94 0.53 -20.11
CA TRP A 103 10.61 1.92 -19.81
C TRP A 103 9.17 2.17 -20.21
N THR A 104 8.45 2.91 -19.38
CA THR A 104 7.09 3.39 -19.70
C THR A 104 7.01 4.89 -19.45
N PRO A 105 6.19 5.61 -20.23
CA PRO A 105 6.08 7.04 -20.07
C PRO A 105 5.30 7.41 -18.81
N ASP A 106 5.58 8.60 -18.31
CA ASP A 106 5.05 9.06 -17.04
C ASP A 106 3.81 9.94 -17.21
N ILE A 107 2.79 9.39 -17.84
CA ILE A 107 1.62 10.18 -18.24
C ILE A 107 0.75 10.43 -17.02
N THR A 108 0.49 11.70 -16.74
CA THR A 108 -0.12 12.12 -15.48
C THR A 108 -1.28 13.05 -15.76
N ALA A 109 -2.35 12.88 -15.00
CA ALA A 109 -3.47 13.82 -15.03
C ALA A 109 -3.08 15.06 -14.23
N ALA A 110 -3.19 16.21 -14.84
CA ALA A 110 -2.74 17.47 -14.24
C ALA A 110 -3.62 17.96 -13.10
N SER A 111 -4.90 17.57 -13.10
CA SER A 111 -5.86 18.05 -12.11
C SER A 111 -6.54 16.91 -11.32
N SER A 112 -5.79 15.83 -11.08
CA SER A 112 -6.24 14.76 -10.21
C SER A 112 -6.29 15.25 -8.77
N THR A 113 -7.18 14.66 -7.98
CA THR A 113 -7.29 14.95 -6.55
C THR A 113 -6.94 13.77 -5.64
N ARG A 114 -6.72 12.58 -6.23
CA ARG A 114 -6.35 11.36 -5.51
C ARG A 114 -5.36 10.61 -6.40
N PRO A 115 -4.51 9.74 -5.81
CA PRO A 115 -3.74 8.89 -6.69
C PRO A 115 -4.65 8.05 -7.61
N VAL A 116 -4.21 7.91 -8.85
CA VAL A 116 -4.85 7.05 -9.80
C VAL A 116 -4.83 5.61 -9.27
N GLN A 117 -5.96 4.93 -9.40
CA GLN A 117 -6.07 3.54 -8.99
C GLN A 117 -5.97 2.64 -10.21
N VAL A 118 -5.04 1.70 -10.16
CA VAL A 118 -4.77 0.79 -11.24
C VAL A 118 -5.77 -0.36 -11.22
N LEU A 119 -6.44 -0.58 -12.35
CA LEU A 119 -7.48 -1.61 -12.51
C LEU A 119 -7.13 -2.76 -13.44
N SER A 120 -5.92 -2.77 -14.00
CA SER A 120 -5.50 -3.80 -14.95
C SER A 120 -4.06 -4.26 -14.66
N PRO A 121 -3.70 -5.46 -15.13
CA PRO A 121 -2.32 -5.93 -14.95
C PRO A 121 -1.33 -5.04 -15.67
N GLN A 122 -0.16 -4.86 -15.06
CA GLN A 122 0.89 -4.03 -15.63
C GLN A 122 1.71 -4.90 -16.61
N ILE A 123 1.13 -5.09 -17.81
CA ILE A 123 1.72 -5.92 -18.85
C ILE A 123 1.58 -5.20 -20.18
N ALA A 124 2.65 -5.21 -20.99
CA ALA A 124 2.68 -4.52 -22.29
C ALA A 124 2.92 -5.50 -23.44
N VAL A 125 2.58 -5.05 -24.65
CA VAL A 125 2.80 -5.81 -25.88
C VAL A 125 3.93 -5.17 -26.67
N VAL A 126 4.97 -5.94 -26.98
CA VAL A 126 6.12 -5.48 -27.77
C VAL A 126 6.11 -6.16 -29.13
N THR A 127 6.22 -5.36 -30.19
CA THR A 127 6.19 -5.85 -31.59
C THR A 127 7.61 -5.77 -32.19
N HIS A 128 7.87 -6.63 -33.18
CA HIS A 128 9.21 -6.80 -33.81
C HIS A 128 9.88 -5.52 -34.34
N ASP A 129 9.06 -4.56 -34.78
CA ASP A 129 9.54 -3.26 -35.22
C ASP A 129 9.96 -2.30 -34.09
N GLY A 130 9.90 -2.76 -32.83
CA GLY A 130 10.20 -1.93 -31.67
C GLY A 130 9.03 -1.14 -31.07
N SER A 131 7.83 -1.34 -31.62
CA SER A 131 6.62 -0.70 -31.09
C SER A 131 6.24 -1.32 -29.77
N VAL A 132 5.74 -0.48 -28.87
CA VAL A 132 5.21 -0.92 -27.59
C VAL A 132 3.80 -0.38 -27.47
N MET A 133 2.91 -1.24 -26.98
CA MET A 133 1.54 -0.87 -26.70
C MET A 133 1.27 -1.25 -25.23
N PHE A 134 0.81 -0.28 -24.45
CA PHE A 134 0.53 -0.46 -23.03
C PHE A 134 -0.81 0.20 -22.75
N SER A 135 -1.75 -0.54 -22.16
CA SER A 135 -3.15 -0.07 -22.00
C SER A 135 -3.65 -0.12 -20.56
N PRO A 136 -3.11 0.75 -19.68
CA PRO A 136 -3.54 0.73 -18.29
C PRO A 136 -4.99 1.18 -18.10
N ALA A 137 -5.76 0.38 -17.37
CA ALA A 137 -7.11 0.76 -16.94
C ALA A 137 -7.00 1.45 -15.58
N GLN A 138 -7.78 2.51 -15.39
CA GLN A 138 -7.58 3.43 -14.30
C GLN A 138 -8.90 3.94 -13.75
N ARG A 139 -8.93 4.19 -12.45
CA ARG A 139 -9.94 5.05 -11.88
C ARG A 139 -9.30 6.34 -11.43
N LEU A 140 -9.85 7.46 -11.87
CA LEU A 140 -9.32 8.79 -11.66
C LEU A 140 -10.36 9.70 -11.01
N SER A 141 -9.99 10.36 -9.91
CA SER A 141 -10.72 11.47 -9.35
C SER A 141 -10.04 12.76 -9.80
N PHE A 142 -10.80 13.68 -10.38
CA PHE A 142 -10.26 14.93 -10.88
C PHE A 142 -11.22 16.10 -10.65
N MET A 143 -10.68 17.31 -10.78
CA MET A 143 -11.41 18.53 -10.49
C MET A 143 -12.42 18.84 -11.56
N CYS A 144 -13.69 18.92 -11.15
CA CYS A 144 -14.80 19.11 -12.05
C CYS A 144 -16.01 19.61 -11.27
N ASP A 145 -16.56 20.76 -11.68
CA ASP A 145 -17.79 21.31 -11.12
C ASP A 145 -18.97 20.67 -11.86
N PRO A 146 -19.72 19.79 -11.18
CA PRO A 146 -20.83 19.11 -11.83
C PRO A 146 -22.16 19.89 -11.87
N THR A 147 -22.18 21.12 -11.37
CA THR A 147 -23.37 21.98 -11.42
C THR A 147 -23.97 22.04 -12.83
N GLY A 148 -25.24 21.67 -12.94
CA GLY A 148 -25.94 21.57 -14.24
C GLY A 148 -26.00 20.18 -14.84
N VAL A 149 -25.51 19.17 -14.11
CA VAL A 149 -25.48 17.79 -14.62
C VAL A 149 -26.89 17.21 -14.80
N ASP A 150 -27.83 17.68 -13.96
CA ASP A 150 -29.25 17.32 -14.05
C ASP A 150 -30.03 18.31 -14.92
N SER A 151 -29.64 18.39 -16.19
CA SER A 151 -30.30 19.23 -17.18
C SER A 151 -30.09 18.60 -18.55
N GLU A 152 -30.74 19.17 -19.55
CA GLU A 152 -30.61 18.69 -20.94
C GLU A 152 -29.24 19.01 -21.53
N GLU A 153 -28.73 20.19 -21.19
CA GLU A 153 -27.44 20.68 -21.71
C GLU A 153 -26.30 19.90 -21.07
N GLY A 154 -26.51 19.49 -19.83
CA GLY A 154 -25.54 18.75 -19.06
C GLY A 154 -24.43 19.66 -18.58
N VAL A 155 -23.25 19.08 -18.38
CA VAL A 155 -22.10 19.81 -17.88
C VAL A 155 -20.84 19.35 -18.62
N THR A 156 -19.89 20.25 -18.77
CA THR A 156 -18.62 19.96 -19.43
C THR A 156 -17.51 20.03 -18.40
N CYS A 157 -16.64 19.03 -18.42
CA CYS A 157 -15.44 19.00 -17.60
C CYS A 157 -14.25 18.57 -18.44
N ALA A 158 -13.06 18.96 -17.98
CA ALA A 158 -11.83 18.73 -18.72
C ALA A 158 -10.68 18.35 -17.79
N VAL A 159 -9.80 17.49 -18.28
CA VAL A 159 -8.58 17.16 -17.58
C VAL A 159 -7.46 16.95 -18.60
N LYS A 160 -6.31 17.59 -18.34
CA LYS A 160 -5.13 17.49 -19.18
C LYS A 160 -4.23 16.33 -18.75
N PHE A 161 -3.77 15.56 -19.73
CA PHE A 161 -2.78 14.53 -19.50
C PHE A 161 -1.46 14.95 -20.11
N GLU A 162 -0.38 14.77 -19.35
CA GLU A 162 0.92 15.29 -19.73
C GLU A 162 2.01 14.44 -19.08
N SER A 163 3.21 14.49 -19.64
CA SER A 163 4.39 14.02 -18.93
C SER A 163 4.63 15.01 -17.81
N TRP A 164 4.86 14.50 -16.59
CA TRP A 164 5.10 15.39 -15.46
C TRP A 164 6.48 16.07 -15.54
N VAL A 165 7.45 15.40 -16.14
CA VAL A 165 8.85 15.85 -16.03
C VAL A 165 9.56 16.21 -17.33
N TYR A 166 9.01 15.78 -18.47
CA TYR A 166 9.63 15.99 -19.79
C TYR A 166 8.91 17.11 -20.53
N SER A 167 9.68 18.02 -21.13
CA SER A 167 9.15 19.07 -22.02
C SER A 167 8.74 18.50 -23.37
N GLY A 168 8.20 19.37 -24.21
CA GLY A 168 7.90 19.03 -25.63
C GLY A 168 9.08 18.65 -26.48
N PHE A 169 10.28 19.12 -26.09
CA PHE A 169 11.51 18.68 -26.78
C PHE A 169 11.96 17.28 -26.46
N GLU A 170 11.42 16.67 -25.42
CA GLU A 170 11.75 15.26 -25.04
C GLU A 170 10.61 14.29 -25.32
N ILE A 171 9.41 14.63 -24.88
CA ILE A 171 8.21 13.84 -25.18
C ILE A 171 7.19 14.67 -25.91
N ASP A 172 6.83 14.20 -27.11
CA ASP A 172 5.73 14.77 -27.85
C ASP A 172 4.54 13.83 -27.67
N LEU A 173 3.41 14.39 -27.27
CA LEU A 173 2.18 13.62 -27.18
C LEU A 173 1.28 13.86 -28.35
N LYS A 174 0.61 12.83 -28.81
CA LYS A 174 -0.46 13.00 -29.79
C LYS A 174 -1.54 11.94 -29.67
N THR A 175 -2.61 12.16 -30.42
CA THR A 175 -3.71 11.21 -30.54
C THR A 175 -3.82 10.77 -31.99
N ASP A 176 -4.33 9.57 -32.24
CA ASP A 176 -4.67 9.16 -33.63
C ASP A 176 -6.00 9.73 -34.07
N THR A 177 -6.94 9.86 -33.14
CA THR A 177 -8.24 10.45 -33.42
C THR A 177 -8.60 11.46 -32.33
N ASP A 178 -9.36 12.49 -32.70
CA ASP A 178 -9.90 13.46 -31.73
C ASP A 178 -11.07 12.96 -30.92
N GLN A 179 -11.69 11.85 -31.32
CA GLN A 179 -12.87 11.31 -30.65
C GLN A 179 -12.48 10.21 -29.66
N VAL A 180 -12.94 10.37 -28.42
CA VAL A 180 -12.77 9.37 -27.39
C VAL A 180 -13.64 8.19 -27.77
N ASP A 181 -13.10 6.99 -27.64
CA ASP A 181 -13.85 5.78 -27.92
C ASP A 181 -14.86 5.53 -26.77
N LEU A 182 -16.13 5.47 -27.13
CA LEU A 182 -17.20 5.23 -26.17
C LEU A 182 -17.82 3.84 -26.29
N SER A 183 -17.16 2.94 -27.02
CA SER A 183 -17.74 1.64 -27.36
C SER A 183 -17.83 0.67 -26.18
N SER A 184 -17.02 0.87 -25.14
CA SER A 184 -17.14 0.13 -23.88
C SER A 184 -17.83 0.94 -22.76
N TYR A 185 -18.48 2.05 -23.09
CA TYR A 185 -19.11 2.84 -22.05
C TYR A 185 -20.30 2.07 -21.46
N TYR A 186 -20.34 1.99 -20.13
CA TYR A 186 -21.36 1.26 -19.39
C TYR A 186 -22.76 1.82 -19.68
N ALA A 187 -23.59 0.97 -20.30
CA ALA A 187 -24.92 1.37 -20.79
C ALA A 187 -25.92 1.78 -19.69
N SER A 188 -25.74 1.26 -18.47
CA SER A 188 -26.57 1.65 -17.32
C SER A 188 -25.85 2.57 -16.32
N SER A 189 -24.84 3.31 -16.78
CA SER A 189 -24.23 4.35 -15.97
C SER A 189 -25.28 5.34 -15.52
N LYS A 190 -25.05 5.99 -14.38
CA LYS A 190 -25.91 7.10 -13.96
C LYS A 190 -25.74 8.32 -14.86
N TYR A 191 -24.66 8.37 -15.65
CA TYR A 191 -24.38 9.53 -16.51
C TYR A 191 -24.24 9.12 -17.97
N GLU A 192 -24.90 9.91 -18.80
CA GLU A 192 -24.94 9.73 -20.24
C GLU A 192 -23.88 10.66 -20.84
N ILE A 193 -23.07 10.12 -21.75
CA ILE A 193 -22.06 10.92 -22.44
C ILE A 193 -22.66 11.61 -23.67
N LEU A 194 -22.66 12.94 -23.66
CA LEU A 194 -23.13 13.74 -24.80
C LEU A 194 -22.03 13.95 -25.82
N SER A 195 -20.81 14.24 -25.33
CA SER A 195 -19.61 14.26 -26.18
C SER A 195 -18.35 14.02 -25.36
N ALA A 196 -17.32 13.52 -26.03
CA ALA A 196 -16.04 13.24 -25.41
C ALA A 196 -14.92 13.35 -26.43
N THR A 197 -14.05 14.34 -26.27
CA THR A 197 -12.90 14.58 -27.16
C THR A 197 -11.56 14.49 -26.45
N GLN A 198 -10.53 14.20 -27.25
CA GLN A 198 -9.14 14.10 -26.80
C GLN A 198 -8.25 14.86 -27.80
N THR A 199 -7.71 15.99 -27.37
CA THR A 199 -7.07 16.93 -28.27
C THR A 199 -5.70 17.38 -27.74
N ARG A 200 -4.69 17.22 -28.58
CA ARG A 200 -3.33 17.71 -28.32
C ARG A 200 -3.30 19.23 -28.20
N GLN A 201 -2.56 19.73 -27.20
CA GLN A 201 -2.38 21.17 -27.00
C GLN A 201 -0.91 21.47 -26.75
N VAL A 202 -0.48 22.61 -27.28
CA VAL A 202 0.89 23.10 -27.11
C VAL A 202 0.85 24.32 -26.20
N GLN A 203 1.49 24.20 -25.02
CA GLN A 203 1.52 25.29 -24.02
C GLN A 203 2.93 25.92 -24.01
N HIS A 204 2.97 27.22 -23.69
CA HIS A 204 4.21 27.97 -23.48
C HIS A 204 4.13 28.77 -22.19
N TYR A 205 5.29 29.19 -21.68
CA TYR A 205 5.39 29.97 -20.45
C TYR A 205 6.50 31.04 -20.59
N LYS A 206 6.17 32.26 -20.18
CA LYS A 206 6.87 33.49 -20.59
C LYS A 206 8.40 33.45 -20.48
N GLY A 207 8.88 32.87 -19.37
CA GLY A 207 10.31 32.79 -19.09
C GLY A 207 11.06 31.69 -19.84
N THR A 208 10.38 30.57 -20.04
CA THR A 208 11.02 29.34 -20.51
C THR A 208 11.39 29.36 -21.99
N GLY A 209 12.45 28.64 -22.30
CA GLY A 209 12.84 28.36 -23.68
C GLY A 209 12.35 27.01 -24.22
N GLU A 210 11.16 26.53 -23.79
CA GLU A 210 10.66 25.22 -24.18
C GLU A 210 9.12 25.17 -24.18
N PRO A 211 8.51 24.46 -25.17
CA PRO A 211 7.07 24.16 -25.11
C PRO A 211 6.77 22.94 -24.20
N TYR A 212 5.55 22.86 -23.73
CA TYR A 212 5.09 21.62 -23.05
C TYR A 212 3.77 21.17 -23.72
N ILE A 213 3.60 19.86 -23.83
CA ILE A 213 2.50 19.25 -24.56
C ILE A 213 1.53 18.55 -23.60
N ASP A 214 0.24 18.68 -23.87
CA ASP A 214 -0.76 17.86 -23.17
C ASP A 214 -1.82 17.35 -24.14
N VAL A 215 -2.56 16.34 -23.69
CA VAL A 215 -3.77 15.88 -24.36
C VAL A 215 -4.93 16.25 -23.45
N ASN A 216 -5.80 17.11 -23.94
CA ASN A 216 -6.95 17.62 -23.19
C ASN A 216 -8.11 16.67 -23.42
N LEU A 217 -8.53 15.98 -22.36
CA LEU A 217 -9.73 15.14 -22.37
C LEU A 217 -10.91 16.00 -21.93
N VAL A 218 -11.85 16.24 -22.83
CA VAL A 218 -13.03 17.09 -22.58
C VAL A 218 -14.26 16.21 -22.71
N VAL A 219 -15.06 16.15 -21.64
CA VAL A 219 -16.22 15.27 -21.56
C VAL A 219 -17.45 16.09 -21.18
N LYS A 220 -18.47 16.03 -22.03
CA LYS A 220 -19.77 16.63 -21.75
C LYS A 220 -20.76 15.53 -21.43
N PHE A 221 -21.43 15.65 -20.29
CA PHE A 221 -22.33 14.60 -19.79
C PHE A 221 -23.51 15.12 -18.98
N ARG A 222 -24.48 14.24 -18.74
CA ARG A 222 -25.66 14.57 -17.93
C ARG A 222 -26.19 13.33 -17.23
N GLU A 223 -27.03 13.56 -16.22
CA GLU A 223 -27.71 12.46 -15.53
C GLU A 223 -28.64 11.79 -16.54
N ARG A 224 -28.63 10.46 -16.54
CA ARG A 224 -29.47 9.69 -17.45
C ARG A 224 -30.96 9.92 -17.16
N ARG A 225 -31.72 10.19 -18.22
CA ARG A 225 -33.12 10.64 -18.11
C ARG A 225 -34.05 9.43 -18.26
N ALA A 226 -35.02 9.32 -17.34
CA ALA A 226 -36.07 8.28 -17.32
C ALA A 226 -35.89 6.98 -18.13
N GLN B 20 20.42 7.79 -26.67
CA GLN B 20 20.21 6.66 -25.70
C GLN B 20 21.51 6.12 -25.16
N ALA B 21 22.43 5.79 -26.05
CA ALA B 21 23.76 5.23 -25.70
C ALA B 21 24.57 6.15 -24.79
N ASN B 22 24.62 7.44 -25.14
CA ASN B 22 25.32 8.43 -24.33
C ASN B 22 24.70 8.62 -22.94
N LEU B 23 23.37 8.65 -22.87
CA LEU B 23 22.65 8.81 -21.60
C LEU B 23 22.88 7.62 -20.66
N MET B 24 22.78 6.40 -21.20
CA MET B 24 23.09 5.17 -20.43
C MET B 24 24.50 5.19 -19.84
N ARG B 25 25.47 5.66 -20.64
CA ARG B 25 26.85 5.86 -20.18
C ARG B 25 26.94 6.86 -19.03
N LEU B 26 26.33 8.03 -19.23
CA LEU B 26 26.29 9.11 -18.24
C LEU B 26 25.69 8.65 -16.91
N LYS B 27 24.59 7.92 -16.98
CA LYS B 27 23.91 7.43 -15.78
C LYS B 27 24.78 6.37 -15.10
N SER B 28 25.36 5.48 -15.89
CA SER B 28 26.31 4.48 -15.39
C SER B 28 27.49 5.14 -14.66
N ASP B 29 28.09 6.16 -15.28
CA ASP B 29 29.22 6.87 -14.67
C ASP B 29 28.88 7.58 -13.35
N LEU B 30 27.68 8.18 -13.26
CA LEU B 30 27.28 8.92 -12.04
C LEU B 30 26.80 8.02 -10.91
N PHE B 31 26.06 6.96 -11.24
CA PHE B 31 25.32 6.16 -10.23
C PHE B 31 25.95 4.81 -9.85
N ASN B 32 26.45 4.06 -10.84
CA ASN B 32 27.02 2.74 -10.60
C ASN B 32 28.42 2.79 -9.96
N ARG B 33 29.22 3.78 -10.34
CA ARG B 33 30.61 3.91 -9.81
C ARG B 33 30.59 4.35 -8.34
N SER B 34 30.07 5.54 -8.09
CA SER B 34 30.04 6.11 -6.75
C SER B 34 28.94 5.49 -5.89
N PRO B 35 29.06 5.62 -4.55
CA PRO B 35 27.86 5.44 -3.74
C PRO B 35 26.97 6.67 -3.85
N MET B 36 25.72 6.55 -3.41
CA MET B 36 24.79 7.67 -3.39
C MET B 36 25.29 8.75 -2.42
N TYR B 37 24.96 10.01 -2.70
CA TYR B 37 25.28 11.12 -1.81
C TYR B 37 24.65 10.82 -0.44
N PRO B 38 25.45 10.84 0.65
CA PRO B 38 24.98 10.43 1.98
C PRO B 38 24.20 11.49 2.74
N GLY B 39 24.06 12.68 2.15
CA GLY B 39 23.36 13.79 2.77
C GLY B 39 24.37 14.80 3.28
N PRO B 40 23.87 15.98 3.69
CA PRO B 40 24.73 17.05 4.18
C PRO B 40 25.25 16.79 5.59
N THR B 41 26.32 17.51 5.93
CA THR B 41 26.93 17.49 7.27
C THR B 41 27.16 18.92 7.72
N LYS B 42 27.58 19.10 8.96
CA LYS B 42 27.86 20.44 9.50
C LYS B 42 28.90 21.22 8.68
N ASP B 43 29.89 20.52 8.13
CA ASP B 43 30.97 21.14 7.33
C ASP B 43 30.65 21.26 5.85
N ASP B 44 29.66 20.51 5.36
CA ASP B 44 29.20 20.60 3.97
C ASP B 44 27.67 20.73 3.93
N PRO B 45 27.14 21.89 4.37
CA PRO B 45 25.70 22.06 4.36
C PRO B 45 25.11 22.21 2.98
N LEU B 46 23.80 22.04 2.90
CA LEU B 46 23.07 22.06 1.65
C LEU B 46 21.91 23.03 1.76
N THR B 47 21.79 23.91 0.75
CA THR B 47 20.64 24.79 0.66
C THR B 47 19.63 24.16 -0.29
N VAL B 48 18.39 24.03 0.19
CA VAL B 48 17.28 23.55 -0.61
C VAL B 48 16.29 24.69 -0.75
N THR B 49 15.96 25.01 -2.00
CA THR B 49 15.02 26.07 -2.31
C THR B 49 13.64 25.48 -2.63
N LEU B 50 12.61 25.97 -1.94
CA LEU B 50 11.24 25.47 -2.06
C LEU B 50 10.32 26.51 -2.67
N GLY B 51 9.38 26.06 -3.48
CA GLY B 51 8.31 26.93 -3.99
C GLY B 51 7.03 26.10 -4.13
N PHE B 52 5.93 26.66 -3.65
CA PHE B 52 4.63 25.98 -3.70
C PHE B 52 3.75 26.52 -4.80
N PHE B 53 3.05 25.61 -5.48
CA PHE B 53 2.14 25.92 -6.58
C PHE B 53 0.80 25.30 -6.20
N LEU B 54 -0.06 26.12 -5.63
CA LEU B 54 -1.32 25.66 -5.07
C LEU B 54 -2.36 25.43 -6.18
N GLN B 55 -2.94 24.23 -6.23
CA GLN B 55 -3.92 23.86 -7.27
C GLN B 55 -5.37 23.88 -6.80
N ASP B 56 -5.65 23.45 -5.57
CA ASP B 56 -7.04 23.36 -5.08
C ASP B 56 -7.08 23.17 -3.57
N ILE B 57 -7.98 23.90 -2.91
CA ILE B 57 -8.45 23.50 -1.59
C ILE B 57 -9.67 22.61 -1.89
N VAL B 58 -9.52 21.32 -1.66
CA VAL B 58 -10.48 20.32 -2.13
C VAL B 58 -11.61 20.14 -1.16
N LYS B 59 -11.28 20.06 0.11
CA LYS B 59 -12.30 19.99 1.14
C LYS B 59 -11.86 20.55 2.47
N VAL B 60 -12.89 20.77 3.29
CA VAL B 60 -12.81 21.33 4.61
C VAL B 60 -13.65 20.41 5.49
N ASP B 61 -13.16 20.12 6.69
CA ASP B 61 -13.93 19.34 7.66
C ASP B 61 -13.95 20.13 8.97
N SER B 62 -15.08 20.78 9.22
CA SER B 62 -15.29 21.61 10.41
C SER B 62 -15.54 20.80 11.67
N SER B 63 -15.81 19.50 11.55
CA SER B 63 -15.96 18.65 12.72
C SER B 63 -14.61 18.09 13.23
N THR B 64 -13.59 18.03 12.37
CA THR B 64 -12.24 17.59 12.77
C THR B 64 -11.13 18.63 12.63
N ASN B 65 -11.47 19.81 12.11
CA ASN B 65 -10.48 20.84 11.77
C ASN B 65 -9.32 20.28 10.94
N GLU B 66 -9.69 19.60 9.86
CA GLU B 66 -8.77 19.14 8.81
C GLU B 66 -9.15 19.83 7.52
N VAL B 67 -8.15 20.29 6.77
CA VAL B 67 -8.36 20.82 5.42
C VAL B 67 -7.43 20.09 4.45
N ASP B 68 -7.94 19.80 3.26
CA ASP B 68 -7.23 19.06 2.23
C ASP B 68 -6.77 19.95 1.10
N LEU B 69 -5.49 19.94 0.82
CA LEU B 69 -4.88 20.78 -0.24
C LEU B 69 -4.30 19.87 -1.29
N VAL B 70 -4.43 20.30 -2.54
CA VAL B 70 -3.72 19.72 -3.67
C VAL B 70 -2.78 20.81 -4.18
N TYR B 71 -1.51 20.46 -4.32
CA TYR B 71 -0.47 21.38 -4.77
C TYR B 71 0.70 20.59 -5.33
N TYR B 72 1.58 21.28 -6.05
CA TYR B 72 2.92 20.74 -6.26
C TYR B 72 3.96 21.66 -5.64
N GLU B 73 5.12 21.05 -5.38
CA GLU B 73 6.13 21.63 -4.53
C GLU B 73 7.45 21.53 -5.27
N ARG B 74 7.92 22.64 -5.84
CA ARG B 74 9.22 22.64 -6.54
C ARG B 74 10.39 22.68 -5.55
N GLN B 75 11.26 21.68 -5.63
CA GLN B 75 12.45 21.58 -4.75
C GLN B 75 13.73 21.64 -5.60
N ARG B 76 14.66 22.51 -5.21
CA ARG B 76 15.93 22.68 -5.95
C ARG B 76 17.14 22.66 -5.02
N TRP B 77 18.16 21.91 -5.40
CA TRP B 77 19.44 21.87 -4.69
C TRP B 77 20.53 21.53 -5.71
N LYS B 78 21.79 21.56 -5.27
CA LYS B 78 22.94 21.39 -6.18
C LYS B 78 24.05 20.55 -5.51
N LEU B 79 24.55 19.55 -6.23
CA LEU B 79 25.62 18.67 -5.75
C LEU B 79 26.77 18.52 -6.75
N ASN B 80 28.01 18.72 -6.28
CA ASN B 80 29.22 18.48 -7.12
C ASN B 80 29.27 17.08 -7.72
N SER B 81 28.84 16.07 -6.97
CA SER B 81 28.92 14.68 -7.44
C SER B 81 28.00 14.34 -8.61
N LEU B 82 27.06 15.23 -8.93
CA LEU B 82 26.18 15.08 -10.11
C LEU B 82 26.58 15.96 -11.30
N MET B 83 27.78 16.57 -11.29
CA MET B 83 28.24 17.38 -12.41
C MET B 83 28.80 16.51 -13.53
N TRP B 84 28.69 16.99 -14.76
CA TRP B 84 29.41 16.42 -15.90
C TRP B 84 29.67 17.47 -16.97
N ASP B 85 30.58 17.15 -17.89
CA ASP B 85 30.85 17.95 -19.08
C ASP B 85 29.96 17.41 -20.20
N PRO B 86 29.02 18.22 -20.72
CA PRO B 86 28.19 17.79 -21.86
C PRO B 86 28.94 17.22 -23.07
N ASN B 87 30.14 17.76 -23.36
CA ASN B 87 30.96 17.30 -24.49
C ASN B 87 31.40 15.85 -24.45
N GLU B 88 31.65 15.32 -23.24
CA GLU B 88 31.96 13.89 -23.09
C GLU B 88 30.77 12.97 -23.19
N TYR B 89 29.55 13.52 -23.31
CA TYR B 89 28.31 12.72 -23.34
C TYR B 89 27.31 13.25 -24.37
N GLY B 90 27.79 13.42 -25.60
CA GLY B 90 26.94 13.80 -26.75
C GLY B 90 26.15 15.08 -26.56
N ASN B 91 26.73 16.03 -25.84
CA ASN B 91 26.09 17.32 -25.54
C ASN B 91 24.77 17.24 -24.76
N ILE B 92 24.61 16.18 -23.96
CA ILE B 92 23.48 16.08 -23.02
C ILE B 92 23.70 17.12 -21.91
N THR B 93 22.73 18.02 -21.78
CA THR B 93 22.77 19.07 -20.75
C THR B 93 21.96 18.74 -19.49
N ASP B 94 20.99 17.85 -19.62
CA ASP B 94 20.21 17.36 -18.50
C ASP B 94 19.44 16.09 -18.84
N PHE B 95 19.00 15.39 -17.81
CA PHE B 95 18.23 14.18 -17.96
C PHE B 95 17.26 13.98 -16.80
N ARG B 96 16.35 13.01 -17.01
CA ARG B 96 15.36 12.65 -16.04
C ARG B 96 15.70 11.27 -15.48
N THR B 97 15.47 11.10 -14.19
CA THR B 97 15.69 9.80 -13.57
C THR B 97 14.82 9.63 -12.33
N SER B 98 14.54 8.38 -11.99
CA SER B 98 13.80 8.04 -10.80
C SER B 98 14.41 8.69 -9.56
N ALA B 99 13.57 9.23 -8.69
CA ALA B 99 14.01 9.82 -7.42
C ALA B 99 14.68 8.80 -6.49
N ALA B 100 14.43 7.52 -6.70
CA ALA B 100 15.13 6.45 -5.98
C ALA B 100 16.63 6.38 -6.31
N ASP B 101 17.02 6.82 -7.51
CA ASP B 101 18.42 6.81 -7.94
C ASP B 101 19.30 7.88 -7.28
N ILE B 102 18.69 8.88 -6.63
CA ILE B 102 19.41 9.99 -6.02
C ILE B 102 18.94 10.28 -4.60
N TRP B 103 19.76 11.04 -3.89
CA TRP B 103 19.37 11.58 -2.59
C TRP B 103 18.33 12.68 -2.86
N THR B 104 17.29 12.69 -2.03
CA THR B 104 16.28 13.74 -2.02
C THR B 104 16.09 14.21 -0.60
N PRO B 105 15.78 15.52 -0.42
CA PRO B 105 15.58 16.02 0.93
C PRO B 105 14.23 15.52 1.49
N ASP B 106 14.16 15.45 2.80
CA ASP B 106 13.05 14.73 3.44
C ASP B 106 12.01 15.74 3.94
N ILE B 107 11.46 16.50 3.00
CA ILE B 107 10.63 17.64 3.29
C ILE B 107 9.25 17.15 3.73
N THR B 108 8.86 17.55 4.94
CA THR B 108 7.71 17.00 5.61
C THR B 108 6.84 18.14 6.13
N ALA B 109 5.53 17.97 6.01
CA ALA B 109 4.56 18.86 6.61
C ALA B 109 4.49 18.55 8.10
N ALA B 110 4.69 19.57 8.94
CA ALA B 110 4.75 19.39 10.37
C ALA B 110 3.41 19.11 11.01
N SER B 111 2.32 19.54 10.38
CA SER B 111 0.98 19.43 10.98
C SER B 111 -0.01 18.66 10.07
N SER B 112 0.50 17.67 9.33
CA SER B 112 -0.33 16.76 8.58
C SER B 112 -1.10 15.87 9.53
N THR B 113 -2.27 15.41 9.10
CA THR B 113 -3.08 14.46 9.85
C THR B 113 -3.24 13.10 9.15
N ARG B 114 -2.76 12.98 7.92
CA ARG B 114 -2.80 11.74 7.14
C ARG B 114 -1.50 11.66 6.35
N PRO B 115 -1.06 10.45 5.98
CA PRO B 115 0.07 10.43 5.05
C PRO B 115 -0.27 11.18 3.75
N VAL B 116 0.72 11.89 3.26
CA VAL B 116 0.62 12.61 2.01
C VAL B 116 0.36 11.62 0.89
N GLN B 117 -0.55 11.98 0.00
CA GLN B 117 -0.87 11.16 -1.15
C GLN B 117 -0.17 11.72 -2.38
N VAL B 118 0.59 10.87 -3.04
CA VAL B 118 1.46 11.24 -4.15
C VAL B 118 0.63 11.26 -5.42
N LEU B 119 0.66 12.40 -6.12
CA LEU B 119 -0.11 12.61 -7.36
C LEU B 119 0.70 12.73 -8.65
N SER B 120 2.03 12.58 -8.55
CA SER B 120 2.92 12.70 -9.69
C SER B 120 3.99 11.61 -9.63
N PRO B 121 4.61 11.29 -10.79
CA PRO B 121 5.68 10.29 -10.78
C PRO B 121 6.87 10.77 -9.97
N GLN B 122 7.52 9.84 -9.27
CA GLN B 122 8.69 10.16 -8.46
C GLN B 122 9.94 10.17 -9.34
N ILE B 123 10.07 11.25 -10.11
CA ILE B 123 11.10 11.43 -11.12
C ILE B 123 11.62 12.87 -11.01
N ALA B 124 12.94 13.02 -11.07
CA ALA B 124 13.62 14.33 -10.94
C ALA B 124 14.41 14.67 -12.20
N VAL B 125 14.72 15.96 -12.34
CA VAL B 125 15.52 16.47 -13.46
C VAL B 125 16.90 16.86 -12.94
N VAL B 126 17.94 16.29 -13.52
CA VAL B 126 19.34 16.56 -13.16
C VAL B 126 20.03 17.32 -14.28
N THR B 127 20.67 18.44 -13.97
CA THR B 127 21.35 19.30 -14.97
C THR B 127 22.86 19.15 -14.83
N HIS B 128 23.59 19.41 -15.92
CA HIS B 128 25.06 19.17 -16.02
C HIS B 128 25.92 19.86 -14.96
N ASP B 129 25.45 21.00 -14.45
CA ASP B 129 26.10 21.70 -13.34
C ASP B 129 25.89 21.07 -11.96
N GLY B 130 25.19 19.93 -11.89
CA GLY B 130 24.85 19.27 -10.62
C GLY B 130 23.56 19.73 -9.95
N SER B 131 22.80 20.61 -10.60
CA SER B 131 21.49 21.05 -10.09
C SER B 131 20.47 19.94 -10.20
N VAL B 132 19.60 19.87 -9.21
CA VAL B 132 18.51 18.91 -9.22
C VAL B 132 17.22 19.69 -9.00
N MET B 133 16.20 19.33 -9.76
CA MET B 133 14.86 19.87 -9.62
C MET B 133 13.90 18.69 -9.46
N PHE B 134 13.12 18.71 -8.39
CA PHE B 134 12.15 17.64 -8.08
C PHE B 134 10.85 18.33 -7.70
N SER B 135 9.75 17.98 -8.38
CA SER B 135 8.46 18.68 -8.21
C SER B 135 7.30 17.76 -7.85
N PRO B 136 7.31 17.20 -6.63
CA PRO B 136 6.23 16.29 -6.25
C PRO B 136 4.87 16.98 -6.10
N ALA B 137 3.86 16.43 -6.73
CA ALA B 137 2.47 16.86 -6.56
C ALA B 137 1.85 16.01 -5.46
N GLN B 138 1.06 16.65 -4.60
CA GLN B 138 0.65 16.04 -3.34
C GLN B 138 -0.76 16.43 -3.00
N ARG B 139 -1.47 15.52 -2.33
CA ARG B 139 -2.65 15.88 -1.59
C ARG B 139 -2.32 15.73 -0.11
N LEU B 140 -2.58 16.80 0.63
CA LEU B 140 -2.21 16.94 2.04
C LEU B 140 -3.46 17.26 2.87
N SER B 141 -3.70 16.47 3.92
CA SER B 141 -4.62 16.83 4.98
C SER B 141 -3.83 17.39 6.14
N PHE B 142 -4.22 18.58 6.62
CA PHE B 142 -3.48 19.23 7.69
C PHE B 142 -4.42 19.98 8.64
N MET B 143 -3.89 20.34 9.80
CA MET B 143 -4.67 20.91 10.88
C MET B 143 -5.04 22.36 10.56
N CYS B 144 -6.32 22.64 10.53
CA CYS B 144 -6.82 23.94 10.15
C CYS B 144 -8.27 24.08 10.61
N ASP B 145 -8.53 25.13 11.40
CA ASP B 145 -9.89 25.47 11.85
C ASP B 145 -10.53 26.36 10.77
N PRO B 146 -11.51 25.82 10.05
CA PRO B 146 -12.13 26.59 8.98
C PRO B 146 -13.25 27.57 9.42
N THR B 147 -13.52 27.68 10.72
CA THR B 147 -14.53 28.62 11.23
C THR B 147 -14.31 30.04 10.69
N GLY B 148 -15.33 30.58 10.04
CA GLY B 148 -15.26 31.90 9.37
C GLY B 148 -14.97 31.83 7.87
N VAL B 149 -14.92 30.63 7.31
CA VAL B 149 -14.64 30.46 5.87
C VAL B 149 -15.77 31.02 5.00
N ASP B 150 -17.00 31.00 5.53
CA ASP B 150 -18.18 31.59 4.89
C ASP B 150 -18.39 33.04 5.32
N SER B 151 -17.41 33.88 5.04
CA SER B 151 -17.47 35.31 5.32
C SER B 151 -16.58 36.03 4.33
N GLU B 152 -16.63 37.35 4.35
CA GLU B 152 -15.80 38.18 3.45
C GLU B 152 -14.33 38.13 3.84
N GLU B 153 -14.06 38.12 5.14
CA GLU B 153 -12.70 38.13 5.69
C GLU B 153 -12.04 36.77 5.44
N GLY B 154 -12.87 35.73 5.43
CA GLY B 154 -12.40 34.37 5.20
C GLY B 154 -11.71 33.83 6.45
N VAL B 155 -10.80 32.89 6.23
CA VAL B 155 -10.08 32.24 7.31
C VAL B 155 -8.63 32.04 6.90
N THR B 156 -7.74 32.07 7.89
CA THR B 156 -6.31 31.87 7.66
C THR B 156 -5.88 30.56 8.30
N CYS B 157 -5.12 29.78 7.54
CA CYS B 157 -4.51 28.56 8.05
CA CYS B 157 -4.51 28.56 8.06
C CYS B 157 -3.06 28.49 7.62
N ALA B 158 -2.26 27.73 8.37
CA ALA B 158 -0.84 27.64 8.12
C ALA B 158 -0.31 26.22 8.33
N VAL B 159 0.70 25.87 7.53
CA VAL B 159 1.41 24.60 7.69
C VAL B 159 2.89 24.82 7.40
N LYS B 160 3.73 24.31 8.28
CA LYS B 160 5.18 24.41 8.16
C LYS B 160 5.77 23.20 7.46
N PHE B 161 6.66 23.45 6.50
CA PHE B 161 7.39 22.40 5.83
C PHE B 161 8.85 22.44 6.24
N GLU B 162 9.41 21.27 6.56
CA GLU B 162 10.74 21.20 7.14
C GLU B 162 11.35 19.85 6.87
N SER B 163 12.69 19.82 6.94
CA SER B 163 13.41 18.55 7.03
C SER B 163 13.05 17.97 8.40
N TRP B 164 12.72 16.69 8.41
CA TRP B 164 12.35 16.02 9.64
C TRP B 164 13.56 15.77 10.55
N VAL B 165 14.73 15.58 9.96
CA VAL B 165 15.89 15.08 10.72
C VAL B 165 17.12 15.98 10.78
N TYR B 166 17.23 16.95 9.87
CA TYR B 166 18.44 17.78 9.75
C TYR B 166 18.22 19.17 10.35
N SER B 167 19.20 19.62 11.11
CA SER B 167 19.19 20.96 11.67
C SER B 167 19.51 22.01 10.59
N GLY B 168 19.48 23.27 11.02
CA GLY B 168 19.89 24.41 10.20
C GLY B 168 21.37 24.41 9.78
N PHE B 169 22.20 23.72 10.53
CA PHE B 169 23.61 23.57 10.22
C PHE B 169 23.88 22.53 9.12
N GLU B 170 22.88 21.71 8.77
CA GLU B 170 23.01 20.74 7.67
C GLU B 170 22.15 21.10 6.45
N ILE B 171 20.89 21.45 6.68
CA ILE B 171 20.00 21.89 5.61
C ILE B 171 19.47 23.28 5.91
N ASP B 172 19.71 24.20 4.98
CA ASP B 172 19.08 25.49 5.02
C ASP B 172 17.96 25.51 4.00
N LEU B 173 16.76 25.88 4.43
CA LEU B 173 15.65 26.06 3.48
C LEU B 173 15.46 27.53 3.14
N LYS B 174 15.16 27.81 1.86
CA LYS B 174 14.67 29.11 1.45
C LYS B 174 13.69 29.07 0.29
N THR B 175 13.09 30.22 0.01
CA THR B 175 12.20 30.42 -1.12
C THR B 175 12.81 31.44 -2.08
N ASP B 176 12.48 31.35 -3.37
CA ASP B 176 12.86 32.42 -4.32
C ASP B 176 11.93 33.61 -4.22
N THR B 177 10.65 33.35 -3.95
CA THR B 177 9.66 34.41 -3.78
C THR B 177 8.82 34.15 -2.52
N ASP B 178 8.33 35.21 -1.91
CA ASP B 178 7.41 35.17 -0.77
C ASP B 178 5.97 34.76 -1.17
N GLN B 179 5.64 34.92 -2.46
CA GLN B 179 4.29 34.69 -2.96
C GLN B 179 4.15 33.29 -3.54
N VAL B 180 3.14 32.56 -3.04
CA VAL B 180 2.79 31.25 -3.55
C VAL B 180 2.23 31.46 -4.95
N ASP B 181 2.65 30.62 -5.89
CA ASP B 181 2.16 30.69 -7.25
C ASP B 181 0.72 30.14 -7.30
N LEU B 182 -0.20 30.98 -7.75
CA LEU B 182 -1.60 30.62 -7.89
C LEU B 182 -2.04 30.43 -9.35
N SER B 183 -1.08 30.31 -10.27
CA SER B 183 -1.39 30.31 -11.70
C SER B 183 -2.05 29.01 -12.19
N SER B 184 -1.89 27.91 -11.45
CA SER B 184 -2.64 26.67 -11.70
C SER B 184 -3.83 26.46 -10.73
N TYR B 185 -4.22 27.48 -9.97
CA TYR B 185 -5.29 27.28 -9.02
C TYR B 185 -6.61 27.07 -9.77
N TYR B 186 -7.33 26.01 -9.40
CA TYR B 186 -8.59 25.61 -10.02
C TYR B 186 -9.64 26.72 -9.91
N ALA B 187 -10.02 27.26 -11.08
CA ALA B 187 -10.92 28.42 -11.15
C ALA B 187 -12.34 28.18 -10.62
N SER B 188 -12.81 26.94 -10.64
CA SER B 188 -14.12 26.57 -10.06
C SER B 188 -14.02 25.82 -8.73
N SER B 189 -12.92 26.01 -7.99
CA SER B 189 -12.81 25.49 -6.65
C SER B 189 -13.96 26.04 -5.79
N LYS B 190 -14.35 25.28 -4.77
CA LYS B 190 -15.31 25.80 -3.79
C LYS B 190 -14.71 26.91 -2.94
N TYR B 191 -13.38 27.05 -2.94
CA TYR B 191 -12.70 28.06 -2.11
C TYR B 191 -11.84 28.99 -2.94
N GLU B 192 -11.99 30.27 -2.65
CA GLU B 192 -11.29 31.35 -3.32
C GLU B 192 -10.08 31.70 -2.45
N ILE B 193 -8.92 31.84 -3.08
CA ILE B 193 -7.70 32.23 -2.39
C ILE B 193 -7.60 33.76 -2.30
N LEU B 194 -7.61 34.29 -1.08
CA LEU B 194 -7.44 35.72 -0.83
C LEU B 194 -5.98 36.11 -0.74
N SER B 195 -5.19 35.28 -0.08
CA SER B 195 -3.73 35.41 -0.09
C SER B 195 -3.06 34.07 0.23
N ALA B 196 -1.83 33.92 -0.24
CA ALA B 196 -1.04 32.72 -0.01
C ALA B 196 0.44 33.08 -0.02
N THR B 197 1.10 32.96 1.13
CA THR B 197 2.54 33.25 1.26
C THR B 197 3.35 32.04 1.71
N GLN B 198 4.65 32.11 1.40
CA GLN B 198 5.62 31.09 1.72
C GLN B 198 6.88 31.79 2.29
N THR B 199 7.12 31.60 3.60
CA THR B 199 8.12 32.37 4.30
C THR B 199 9.01 31.49 5.17
N ARG B 200 10.31 31.65 5.01
CA ARG B 200 11.33 31.00 5.82
C ARG B 200 11.25 31.39 7.30
N GLN B 201 11.38 30.43 8.20
CA GLN B 201 11.42 30.67 9.64
C GLN B 201 12.54 29.89 10.30
N VAL B 202 13.06 30.45 11.40
CA VAL B 202 14.07 29.80 12.24
C VAL B 202 13.39 29.41 13.57
N GLN B 203 13.36 28.10 13.85
CA GLN B 203 12.88 27.56 15.13
C GLN B 203 14.01 27.14 16.05
N HIS B 204 13.74 27.17 17.35
CA HIS B 204 14.64 26.65 18.41
C HIS B 204 13.83 25.76 19.36
N TYR B 205 14.53 24.94 20.14
CA TYR B 205 13.88 24.06 21.13
C TYR B 205 14.67 23.92 22.41
N GLY B 209 18.44 23.19 21.69
CA GLY B 209 19.65 24.01 21.52
C GLY B 209 19.99 24.39 20.07
N GLU B 210 19.89 23.41 19.18
CA GLU B 210 20.25 23.60 17.73
C GLU B 210 19.08 24.21 16.93
N PRO B 211 19.37 25.16 16.02
CA PRO B 211 18.28 25.79 15.25
C PRO B 211 17.83 24.95 14.06
N TYR B 212 16.51 24.91 13.80
CA TYR B 212 15.97 24.20 12.66
C TYR B 212 15.10 25.13 11.82
N ILE B 213 15.06 24.87 10.50
CA ILE B 213 14.47 25.77 9.52
C ILE B 213 13.18 25.20 8.93
N ASP B 214 12.19 26.06 8.73
CA ASP B 214 11.00 25.68 8.00
C ASP B 214 10.57 26.75 7.02
N VAL B 215 9.71 26.35 6.08
CA VAL B 215 8.99 27.29 5.22
C VAL B 215 7.54 27.23 5.63
N ASN B 216 7.02 28.37 6.10
CA ASN B 216 5.66 28.48 6.59
C ASN B 216 4.78 28.84 5.40
N LEU B 217 3.89 27.92 5.03
CA LEU B 217 2.86 28.17 4.03
C LEU B 217 1.61 28.71 4.75
N VAL B 218 1.26 29.95 4.46
CA VAL B 218 0.11 30.64 5.09
C VAL B 218 -0.89 30.96 3.99
N VAL B 219 -2.11 30.46 4.15
CA VAL B 219 -3.15 30.58 3.12
C VAL B 219 -4.40 31.18 3.74
N LYS B 220 -4.85 32.29 3.19
CA LYS B 220 -6.11 32.92 3.56
C LYS B 220 -7.12 32.68 2.45
N PHE B 221 -8.28 32.14 2.82
CA PHE B 221 -9.29 31.74 1.84
C PHE B 221 -10.73 31.85 2.36
N ARG B 222 -11.67 31.76 1.43
CA ARG B 222 -13.10 31.83 1.75
C ARG B 222 -13.92 31.02 0.75
N GLU B 223 -15.16 30.70 1.13
CA GLU B 223 -16.08 30.04 0.22
C GLU B 223 -16.36 30.99 -0.94
N ARG B 224 -16.34 30.46 -2.16
CA ARG B 224 -16.58 31.25 -3.36
C ARG B 224 -18.00 31.84 -3.36
N ARG B 225 -18.11 33.13 -3.65
CA ARG B 225 -19.37 33.87 -3.50
C ARG B 225 -20.11 33.95 -4.82
N GLN C 20 31.50 14.95 2.57
CA GLN C 20 30.88 13.79 1.85
C GLN C 20 31.78 12.55 1.91
N ALA C 21 33.05 12.72 1.54
CA ALA C 21 34.02 11.62 1.49
C ALA C 21 34.21 10.92 2.83
N ASN C 22 34.38 11.70 3.89
CA ASN C 22 34.54 11.16 5.25
C ASN C 22 33.28 10.43 5.74
N LEU C 23 32.10 11.00 5.46
CA LEU C 23 30.84 10.39 5.87
C LEU C 23 30.58 9.06 5.18
N MET C 24 30.83 9.00 3.87
CA MET C 24 30.74 7.74 3.09
C MET C 24 31.66 6.65 3.66
N ARG C 25 32.87 7.04 4.05
CA ARG C 25 33.82 6.14 4.73
C ARG C 25 33.27 5.61 6.06
N LEU C 26 32.80 6.55 6.89
CA LEU C 26 32.23 6.22 8.20
C LEU C 26 31.04 5.25 8.09
N LYS C 27 30.16 5.51 7.14
CA LYS C 27 28.99 4.66 6.94
C LYS C 27 29.41 3.29 6.43
N SER C 28 30.36 3.28 5.49
CA SER C 28 30.95 2.03 4.99
C SER C 28 31.57 1.20 6.13
N ASP C 29 32.36 1.84 6.97
CA ASP C 29 32.99 1.16 8.11
C ASP C 29 31.98 0.57 9.13
N LEU C 30 30.90 1.28 9.41
CA LEU C 30 29.90 0.82 10.39
C LEU C 30 28.95 -0.24 9.85
N PHE C 31 28.50 -0.09 8.60
CA PHE C 31 27.39 -0.88 8.03
C PHE C 31 27.78 -2.02 7.08
N ASN C 32 28.74 -1.79 6.20
CA ASN C 32 29.15 -2.79 5.22
C ASN C 32 30.02 -3.91 5.82
N ARG C 33 30.87 -3.56 6.79
CA ARG C 33 31.77 -4.54 7.44
C ARG C 33 31.01 -5.49 8.33
N SER C 34 30.38 -4.96 9.38
CA SER C 34 29.65 -5.77 10.35
C SER C 34 28.30 -6.20 9.81
N PRO C 35 27.71 -7.26 10.42
CA PRO C 35 26.27 -7.45 10.24
C PRO C 35 25.52 -6.45 11.12
N MET C 36 24.23 -6.28 10.84
CA MET C 36 23.38 -5.40 11.64
C MET C 36 23.26 -5.94 13.07
N TYR C 37 23.08 -5.04 14.02
CA TYR C 37 22.84 -5.40 15.42
C TYR C 37 21.59 -6.32 15.46
N PRO C 38 21.72 -7.52 16.05
CA PRO C 38 20.63 -8.51 16.03
C PRO C 38 19.55 -8.31 17.08
N GLY C 39 19.70 -7.29 17.92
CA GLY C 39 18.77 -7.01 19.00
C GLY C 39 19.35 -7.41 20.32
N PRO C 40 18.68 -7.00 21.41
CA PRO C 40 19.15 -7.31 22.76
C PRO C 40 18.91 -8.74 23.17
N THR C 41 19.66 -9.19 24.19
CA THR C 41 19.51 -10.51 24.81
C THR C 41 19.50 -10.31 26.32
N LYS C 42 19.25 -11.37 27.07
CA LYS C 42 19.26 -11.31 28.55
C LYS C 42 20.58 -10.80 29.12
N ASP C 43 21.70 -11.13 28.47
CA ASP C 43 23.04 -10.76 28.92
C ASP C 43 23.53 -9.42 28.37
N ASP C 44 22.89 -8.93 27.30
CA ASP C 44 23.18 -7.61 26.73
C ASP C 44 21.88 -6.82 26.53
N PRO C 45 21.25 -6.39 27.64
CA PRO C 45 19.97 -5.67 27.50
C PRO C 45 20.16 -4.25 26.99
N LEU C 46 19.06 -3.67 26.54
CA LEU C 46 19.04 -2.35 25.98
C LEU C 46 17.99 -1.51 26.68
N THR C 47 18.36 -0.29 27.03
CA THR C 47 17.41 0.68 27.54
C THR C 47 16.94 1.58 26.40
N VAL C 48 15.64 1.64 26.18
CA VAL C 48 15.01 2.47 25.18
C VAL C 48 14.15 3.48 25.90
N THR C 49 14.41 4.76 25.66
CA THR C 49 13.67 5.84 26.30
C THR C 49 12.67 6.40 25.30
N LEU C 50 11.42 6.51 25.73
CA LEU C 50 10.33 7.08 24.92
C LEU C 50 9.84 8.41 25.47
N GLY C 51 9.51 9.33 24.58
CA GLY C 51 8.77 10.54 24.93
C GLY C 51 7.76 10.85 23.84
N PHE C 52 6.54 11.17 24.27
CA PHE C 52 5.47 11.53 23.34
C PHE C 52 5.28 13.03 23.26
N PHE C 53 5.04 13.50 22.04
CA PHE C 53 4.81 14.91 21.73
C PHE C 53 3.48 14.94 21.01
N LEU C 54 2.43 15.23 21.78
CA LEU C 54 1.07 15.14 21.29
C LEU C 54 0.74 16.38 20.45
N GLN C 55 0.28 16.19 19.21
CA GLN C 55 -0.03 17.28 18.29
C GLN C 55 -1.51 17.59 18.16
N ASP C 56 -2.36 16.56 18.14
CA ASP C 56 -3.80 16.76 17.93
C ASP C 56 -4.58 15.51 18.29
N ILE C 57 -5.71 15.70 18.97
CA ILE C 57 -6.79 14.71 18.96
C ILE C 57 -7.65 15.11 17.79
N VAL C 58 -7.64 14.32 16.73
CA VAL C 58 -8.22 14.71 15.44
C VAL C 58 -9.68 14.37 15.38
N LYS C 59 -10.03 13.18 15.83
CA LYS C 59 -11.43 12.78 15.87
C LYS C 59 -11.76 11.75 16.93
N VAL C 60 -13.06 11.65 17.16
CA VAL C 60 -13.67 10.82 18.16
C VAL C 60 -14.83 10.12 17.45
N ASP C 61 -15.01 8.83 17.72
CA ASP C 61 -16.14 8.07 17.16
C ASP C 61 -16.84 7.38 18.32
N SER C 62 -17.98 7.95 18.72
CA SER C 62 -18.77 7.44 19.85
C SER C 62 -19.59 6.22 19.50
N SER C 63 -19.73 5.89 18.22
CA SER C 63 -20.42 4.67 17.81
C SER C 63 -19.49 3.44 17.80
N THR C 64 -18.18 3.65 17.68
CA THR C 64 -17.19 2.54 17.72
C THR C 64 -16.20 2.58 18.88
N ASN C 65 -16.26 3.63 19.69
CA ASN C 65 -15.27 3.90 20.73
C ASN C 65 -13.82 3.82 20.22
N GLU C 66 -13.58 4.55 19.13
CA GLU C 66 -12.25 4.77 18.58
C GLU C 66 -11.94 6.26 18.66
N VAL C 67 -10.71 6.59 19.04
CA VAL C 67 -10.22 7.97 19.00
C VAL C 67 -8.90 8.02 18.22
N ASP C 68 -8.72 9.08 17.44
CA ASP C 68 -7.58 9.25 16.58
C ASP C 68 -6.63 10.32 17.12
N LEU C 69 -5.37 9.93 17.36
CA LEU C 69 -4.34 10.87 17.78
C LEU C 69 -3.30 11.06 16.71
N VAL C 70 -2.78 12.29 16.63
CA VAL C 70 -1.59 12.62 15.86
C VAL C 70 -0.55 13.05 16.88
N TYR C 71 0.64 12.45 16.79
CA TYR C 71 1.74 12.73 17.69
C TYR C 71 3.05 12.33 17.04
N TYR C 72 4.16 12.77 17.59
CA TYR C 72 5.44 12.10 17.33
C TYR C 72 6.00 11.53 18.61
N GLU C 73 6.84 10.52 18.43
CA GLU C 73 7.27 9.64 19.50
C GLU C 73 8.80 9.60 19.42
N ARG C 74 9.48 10.32 20.31
CA ARG C 74 10.94 10.32 20.33
C ARG C 74 11.47 9.04 21.01
N GLN C 75 12.29 8.29 20.29
CA GLN C 75 12.87 7.02 20.77
C GLN C 75 14.38 7.15 20.82
N ARG C 76 14.98 6.79 21.97
CA ARG C 76 16.42 6.90 22.18
C ARG C 76 17.02 5.64 22.77
N TRP C 77 18.12 5.18 22.19
CA TRP C 77 18.88 4.06 22.68
C TRP C 77 20.34 4.21 22.31
N LYS C 78 21.19 3.31 22.81
CA LYS C 78 22.65 3.44 22.61
C LYS C 78 23.30 2.08 22.35
N LEU C 79 24.15 2.01 21.33
CA LEU C 79 24.86 0.78 20.94
C LEU C 79 26.36 0.98 20.76
N ASN C 80 27.17 0.13 21.39
CA ASN C 80 28.64 0.13 21.21
C ASN C 80 29.05 0.00 19.75
N SER C 81 28.34 -0.82 18.98
CA SER C 81 28.71 -1.08 17.57
C SER C 81 28.53 0.12 16.64
N LEU C 82 27.85 1.17 17.10
CA LEU C 82 27.72 2.42 16.34
C LEU C 82 28.61 3.56 16.83
N MET C 83 29.60 3.26 17.67
CA MET C 83 30.54 4.29 18.18
C MET C 83 31.63 4.54 17.14
N TRP C 84 32.13 5.77 17.12
CA TRP C 84 33.36 6.10 16.39
C TRP C 84 34.06 7.28 17.05
N ASP C 85 35.33 7.45 16.69
CA ASP C 85 36.13 8.61 17.08
C ASP C 85 35.98 9.65 15.97
N PRO C 86 35.41 10.84 16.27
CA PRO C 86 35.31 11.91 15.28
C PRO C 86 36.61 12.27 14.55
N ASN C 87 37.75 12.20 15.23
CA ASN C 87 39.07 12.51 14.66
C ASN C 87 39.49 11.63 13.47
N GLU C 88 39.11 10.36 13.50
CA GLU C 88 39.34 9.46 12.36
C GLU C 88 38.43 9.72 11.15
N TYR C 89 37.43 10.58 11.29
CA TYR C 89 36.44 10.83 10.24
C TYR C 89 36.09 12.32 10.10
N GLY C 90 37.12 13.16 9.95
CA GLY C 90 36.95 14.59 9.69
C GLY C 90 36.11 15.35 10.70
N ASN C 91 36.20 14.93 11.96
CA ASN C 91 35.44 15.53 13.08
C ASN C 91 33.91 15.47 12.93
N ILE C 92 33.41 14.46 12.20
CA ILE C 92 31.97 14.20 12.14
C ILE C 92 31.52 13.67 13.51
N THR C 93 30.57 14.39 14.12
CA THR C 93 30.01 14.01 15.42
C THR C 93 28.67 13.25 15.34
N ASP C 94 27.96 13.39 14.22
CA ASP C 94 26.72 12.64 13.97
C ASP C 94 26.31 12.68 12.51
N PHE C 95 25.40 11.79 12.15
CA PHE C 95 24.85 11.73 10.81
C PHE C 95 23.42 11.19 10.81
N ARG C 96 22.78 11.33 9.65
CA ARG C 96 21.43 10.85 9.42
C ARG C 96 21.48 9.66 8.49
N THR C 97 20.62 8.68 8.72
CA THR C 97 20.54 7.53 7.83
C THR C 97 19.17 6.87 7.91
N SER C 98 18.80 6.19 6.83
CA SER C 98 17.54 5.46 6.77
C SER C 98 17.44 4.48 7.93
N ALA C 99 16.25 4.40 8.53
CA ALA C 99 15.97 3.46 9.61
C ALA C 99 16.11 1.99 9.19
N ALA C 100 16.04 1.72 7.89
CA ALA C 100 16.31 0.38 7.35
C ALA C 100 17.77 -0.06 7.52
N ASP C 101 18.70 0.90 7.59
CA ASP C 101 20.13 0.61 7.76
C ASP C 101 20.52 0.15 9.17
N ILE C 102 19.64 0.33 10.16
CA ILE C 102 19.91 0.01 11.55
C ILE C 102 18.77 -0.76 12.20
N TRP C 103 19.09 -1.38 13.33
CA TRP C 103 18.05 -1.98 14.17
C TRP C 103 17.24 -0.86 14.82
N THR C 104 15.93 -1.05 14.87
CA THR C 104 15.02 -0.16 15.59
C THR C 104 14.12 -1.00 16.48
N PRO C 105 13.72 -0.45 17.65
CA PRO C 105 12.86 -1.19 18.56
C PRO C 105 11.44 -1.30 18.02
N ASP C 106 10.76 -2.34 18.46
CA ASP C 106 9.46 -2.72 17.95
C ASP C 106 8.33 -2.22 18.85
N ILE C 107 8.30 -0.92 19.07
CA ILE C 107 7.38 -0.32 20.04
C ILE C 107 5.99 -0.28 19.42
N THR C 108 5.02 -0.88 20.10
CA THR C 108 3.70 -1.13 19.56
C THR C 108 2.63 -0.64 20.52
N ALA C 109 1.59 -0.02 19.97
CA ALA C 109 0.41 0.33 20.75
C ALA C 109 -0.43 -0.92 20.95
N ALA C 110 -0.74 -1.23 22.19
CA ALA C 110 -1.41 -2.46 22.54
C ALA C 110 -2.88 -2.47 22.19
N SER C 111 -3.50 -1.28 22.11
CA SER C 111 -4.96 -1.20 21.87
C SER C 111 -5.33 -0.37 20.64
N SER C 112 -4.46 -0.43 19.61
CA SER C 112 -4.79 0.16 18.31
C SER C 112 -5.90 -0.61 17.65
N THR C 113 -6.68 0.07 16.82
CA THR C 113 -7.74 -0.54 16.03
C THR C 113 -7.52 -0.49 14.52
N ARG C 114 -6.48 0.21 14.07
CA ARG C 114 -6.09 0.31 12.66
C ARG C 114 -4.56 0.30 12.63
N PRO C 115 -3.96 -0.08 11.49
CA PRO C 115 -2.51 0.13 11.41
C PRO C 115 -2.17 1.62 11.63
N VAL C 116 -1.07 1.84 12.34
CA VAL C 116 -0.50 3.15 12.51
C VAL C 116 -0.15 3.72 11.15
N GLN C 117 -0.49 4.99 10.94
CA GLN C 117 -0.19 5.68 9.69
C GLN C 117 1.03 6.56 9.93
N VAL C 118 2.04 6.36 9.08
CA VAL C 118 3.33 7.01 9.21
C VAL C 118 3.24 8.39 8.57
N LEU C 119 3.61 9.42 9.33
CA LEU C 119 3.55 10.82 8.90
C LEU C 119 4.91 11.51 8.71
N SER C 120 6.00 10.78 8.92
CA SER C 120 7.35 11.33 8.81
C SER C 120 8.28 10.35 8.09
N PRO C 121 9.38 10.85 7.53
CA PRO C 121 10.35 9.95 6.88
C PRO C 121 10.98 9.00 7.89
N GLN C 122 11.25 7.78 7.46
CA GLN C 122 11.85 6.76 8.33
C GLN C 122 13.38 6.92 8.31
N ILE C 123 13.84 7.95 9.02
CA ILE C 123 15.25 8.34 9.07
C ILE C 123 15.62 8.64 10.52
N ALA C 124 16.79 8.18 10.94
CA ALA C 124 17.27 8.33 12.32
C ALA C 124 18.57 9.13 12.38
N VAL C 125 18.88 9.66 13.57
CA VAL C 125 20.11 10.41 13.82
C VAL C 125 21.02 9.56 14.70
N VAL C 126 22.25 9.31 14.23
CA VAL C 126 23.25 8.51 14.95
C VAL C 126 24.39 9.42 15.39
N THR C 127 24.75 9.36 16.68
CA THR C 127 25.81 10.20 17.27
C THR C 127 27.05 9.34 17.55
N HIS C 128 28.22 9.99 17.58
CA HIS C 128 29.54 9.32 17.73
C HIS C 128 29.71 8.38 18.92
N ASP C 129 29.00 8.67 20.01
CA ASP C 129 28.96 7.82 21.20
C ASP C 129 28.10 6.54 21.05
N GLY C 130 27.52 6.32 19.87
CA GLY C 130 26.62 5.20 19.63
C GLY C 130 25.14 5.44 19.94
N SER C 131 24.78 6.67 20.33
CA SER C 131 23.39 7.03 20.59
C SER C 131 22.61 7.11 19.29
N VAL C 132 21.36 6.68 19.36
CA VAL C 132 20.44 6.78 18.24
C VAL C 132 19.19 7.49 18.71
N MET C 133 18.72 8.41 17.87
CA MET C 133 17.47 9.11 18.10
C MET C 133 16.59 8.92 16.86
N PHE C 134 15.38 8.43 17.06
CA PHE C 134 14.43 8.16 15.97
C PHE C 134 13.08 8.70 16.42
N SER C 135 12.47 9.57 15.62
CA SER C 135 11.24 10.29 16.03
C SER C 135 10.07 10.13 15.05
N PRO C 136 9.49 8.92 14.97
CA PRO C 136 8.40 8.70 14.04
C PRO C 136 7.13 9.48 14.43
N ALA C 137 6.57 10.20 13.46
CA ALA C 137 5.28 10.87 13.61
C ALA C 137 4.19 9.92 13.11
N GLN C 138 3.08 9.88 13.83
CA GLN C 138 2.10 8.82 13.65
C GLN C 138 0.70 9.35 13.80
N ARG C 139 -0.23 8.75 13.05
CA ARG C 139 -1.63 8.84 13.37
C ARG C 139 -2.09 7.49 13.84
N LEU C 140 -2.72 7.48 15.02
CA LEU C 140 -3.11 6.27 15.73
C LEU C 140 -4.61 6.30 16.03
N SER C 141 -5.32 5.24 15.62
CA SER C 141 -6.67 4.97 16.10
C SER C 141 -6.56 3.94 17.22
N PHE C 142 -7.17 4.24 18.37
CA PHE C 142 -7.11 3.32 19.50
C PHE C 142 -8.43 3.31 20.28
N MET C 143 -8.57 2.29 21.13
CA MET C 143 -9.80 2.04 21.85
C MET C 143 -9.99 3.06 22.98
N CYS C 144 -11.10 3.78 22.92
CA CYS C 144 -11.39 4.85 23.87
C CYS C 144 -12.88 5.18 23.80
N ASP C 145 -13.54 5.14 24.95
CA ASP C 145 -14.94 5.55 25.09
C ASP C 145 -14.99 7.06 25.33
N PRO C 146 -15.44 7.84 24.35
CA PRO C 146 -15.45 9.29 24.50
C PRO C 146 -16.66 9.87 25.25
N THR C 147 -17.57 9.02 25.73
CA THR C 147 -18.74 9.47 26.49
C THR C 147 -18.32 10.41 27.64
N GLY C 148 -18.89 11.63 27.64
CA GLY C 148 -18.53 12.66 28.61
C GLY C 148 -17.50 13.68 28.13
N VAL C 149 -17.12 13.60 26.85
CA VAL C 149 -16.14 14.53 26.27
C VAL C 149 -16.67 15.97 26.22
N ASP C 150 -17.99 16.10 26.07
CA ASP C 150 -18.71 17.39 26.09
C ASP C 150 -19.17 17.74 27.52
N SER C 151 -18.22 17.88 28.42
CA SER C 151 -18.48 18.26 29.80
C SER C 151 -17.23 18.95 30.35
N GLU C 152 -17.34 19.50 31.56
CA GLU C 152 -16.20 20.17 32.20
C GLU C 152 -15.12 19.18 32.65
N GLU C 153 -15.56 18.03 33.12
CA GLU C 153 -14.65 16.98 33.64
C GLU C 153 -13.90 16.34 32.47
N GLY C 154 -14.58 16.28 31.33
CA GLY C 154 -14.03 15.68 30.14
C GLY C 154 -14.05 14.17 30.24
N VAL C 155 -13.12 13.54 29.53
CA VAL C 155 -13.01 12.10 29.50
C VAL C 155 -11.53 11.70 29.55
N THR C 156 -11.27 10.53 30.12
CA THR C 156 -9.92 9.99 30.21
C THR C 156 -9.83 8.74 29.35
N CYS C 157 -8.77 8.67 28.56
CA CYS C 157 -8.47 7.48 27.76
CA CYS C 157 -8.47 7.48 27.76
C CYS C 157 -7.00 7.14 27.87
N ALA C 158 -6.68 5.88 27.62
CA ALA C 158 -5.34 5.36 27.84
C ALA C 158 -4.94 4.35 26.79
N VAL C 159 -3.67 4.36 26.43
CA VAL C 159 -3.11 3.36 25.53
C VAL C 159 -1.69 3.00 25.99
N LYS C 160 -1.43 1.69 26.06
CA LYS C 160 -0.13 1.17 26.46
C LYS C 160 0.78 0.96 25.25
N PHE C 161 2.03 1.39 25.37
CA PHE C 161 3.06 1.12 24.39
C PHE C 161 4.05 0.12 24.99
N GLU C 162 4.43 -0.87 24.18
CA GLU C 162 5.30 -1.95 24.66
C GLU C 162 6.05 -2.54 23.47
N SER C 163 7.17 -3.17 23.78
CA SER C 163 7.81 -4.07 22.82
C SER C 163 6.89 -5.27 22.67
N TRP C 164 6.64 -5.67 21.44
CA TRP C 164 5.77 -6.79 21.14
C TRP C 164 6.41 -8.13 21.53
N VAL C 165 7.74 -8.23 21.46
CA VAL C 165 8.41 -9.51 21.60
C VAL C 165 9.44 -9.62 22.73
N TYR C 166 9.93 -8.51 23.25
CA TYR C 166 11.03 -8.50 24.22
C TYR C 166 10.53 -8.25 25.64
N SER C 167 11.00 -9.06 26.58
CA SER C 167 10.73 -8.89 28.00
C SER C 167 11.54 -7.74 28.58
N GLY C 168 11.32 -7.47 29.86
CA GLY C 168 12.10 -6.50 30.64
C GLY C 168 13.58 -6.84 30.79
N PHE C 169 13.92 -8.13 30.68
CA PHE C 169 15.32 -8.53 30.67
C PHE C 169 16.08 -8.25 29.38
N GLU C 170 15.35 -7.93 28.32
CA GLU C 170 15.99 -7.58 27.02
C GLU C 170 15.85 -6.09 26.68
N ILE C 171 14.63 -5.56 26.79
CA ILE C 171 14.40 -4.12 26.62
C ILE C 171 13.79 -3.56 27.87
N ASP C 172 14.48 -2.58 28.45
CA ASP C 172 13.96 -1.79 29.57
C ASP C 172 13.52 -0.46 28.94
N LEU C 173 12.26 -0.12 29.20
CA LEU C 173 11.52 0.86 28.46
C LEU C 173 11.24 1.85 29.53
N LYS C 174 11.46 3.10 29.22
CA LYS C 174 11.26 4.17 30.21
C LYS C 174 11.03 5.50 29.52
N THR C 175 10.66 6.47 30.35
CA THR C 175 10.49 7.87 29.96
C THR C 175 11.49 8.71 30.76
N ASP C 176 11.90 9.85 30.22
CA ASP C 176 12.71 10.82 30.99
C ASP C 176 11.81 11.66 31.90
N THR C 177 10.60 11.95 31.43
CA THR C 177 9.64 12.73 32.19
C THR C 177 8.27 12.03 32.14
N ASP C 178 7.51 12.15 33.23
CA ASP C 178 6.13 11.67 33.31
C ASP C 178 5.12 12.52 32.56
N GLN C 179 5.50 13.74 32.19
CA GLN C 179 4.61 14.68 31.50
C GLN C 179 4.82 14.62 29.98
N VAL C 180 3.72 14.40 29.27
CA VAL C 180 3.71 14.44 27.81
C VAL C 180 3.97 15.88 27.39
N ASP C 181 4.83 16.06 26.40
CA ASP C 181 5.09 17.39 25.87
C ASP C 181 3.89 17.86 25.03
N LEU C 182 3.30 18.97 25.43
CA LEU C 182 2.16 19.56 24.75
C LEU C 182 2.52 20.85 24.00
N SER C 183 3.81 21.10 23.80
CA SER C 183 4.26 22.37 23.21
C SER C 183 3.98 22.50 21.71
N SER C 184 3.77 21.37 21.01
CA SER C 184 3.28 21.37 19.63
C SER C 184 1.78 21.05 19.50
N TYR C 185 1.03 21.06 20.61
CA TYR C 185 -0.38 20.71 20.51
C TYR C 185 -1.11 21.81 19.76
N TYR C 186 -1.90 21.41 18.77
CA TYR C 186 -2.64 22.32 17.90
C TYR C 186 -3.63 23.16 18.70
N ALA C 187 -3.38 24.47 18.71
CA ALA C 187 -4.14 25.43 19.54
C ALA C 187 -5.62 25.56 19.18
N SER C 188 -5.99 25.28 17.91
CA SER C 188 -7.39 25.27 17.49
C SER C 188 -7.97 23.84 17.27
N SER C 189 -7.40 22.85 17.95
CA SER C 189 -7.99 21.51 17.96
C SER C 189 -9.43 21.58 18.46
N LYS C 190 -10.26 20.64 18.03
CA LYS C 190 -11.60 20.50 18.61
C LYS C 190 -11.56 20.04 20.05
N TYR C 191 -10.42 19.48 20.50
CA TYR C 191 -10.31 18.95 21.86
C TYR C 191 -9.17 19.61 22.63
N GLU C 192 -9.49 19.97 23.87
CA GLU C 192 -8.61 20.65 24.77
C GLU C 192 -8.00 19.58 25.68
N ILE C 193 -6.67 19.62 25.86
CA ILE C 193 -5.99 18.68 26.74
C ILE C 193 -5.99 19.21 28.19
N LEU C 194 -6.65 18.46 29.08
CA LEU C 194 -6.68 18.78 30.51
C LEU C 194 -5.46 18.21 31.24
N SER C 195 -5.09 16.98 30.89
CA SER C 195 -3.81 16.40 31.31
C SER C 195 -3.37 15.29 30.35
N ALA C 196 -2.06 15.06 30.32
CA ALA C 196 -1.47 14.03 29.50
C ALA C 196 -0.18 13.51 30.16
N THR C 197 -0.21 12.25 30.59
CA THR C 197 0.95 11.61 31.22
C THR C 197 1.45 10.39 30.46
N GLN C 198 2.72 10.08 30.68
CA GLN C 198 3.41 8.92 30.10
C GLN C 198 4.20 8.22 31.21
N THR C 199 3.74 7.06 31.64
CA THR C 199 4.22 6.44 32.87
C THR C 199 4.54 4.96 32.64
N ARG C 200 5.75 4.58 33.01
CA ARG C 200 6.22 3.21 33.00
C ARG C 200 5.39 2.34 33.96
N GLN C 201 5.06 1.13 33.49
CA GLN C 201 4.37 0.12 34.33
C GLN C 201 5.19 -1.17 34.21
N VAL C 202 5.69 -1.67 35.35
CA VAL C 202 6.50 -2.88 35.39
C VAL C 202 5.67 -4.01 36.00
N GLN C 203 5.39 -5.03 35.20
CA GLN C 203 4.47 -6.14 35.57
C GLN C 203 5.33 -7.41 35.78
N HIS C 204 4.78 -8.33 36.58
CA HIS C 204 5.27 -9.71 36.69
C HIS C 204 4.14 -10.73 36.52
N TYR C 205 4.50 -11.97 36.24
CA TYR C 205 3.51 -13.03 35.94
C TYR C 205 3.98 -14.38 36.49
N GLY C 209 7.68 -15.41 35.80
CA GLY C 209 8.95 -15.05 36.43
C GLY C 209 9.67 -13.84 35.82
N GLU C 210 9.60 -13.70 34.48
CA GLU C 210 10.18 -12.57 33.76
C GLU C 210 9.33 -11.29 33.80
N PRO C 211 9.97 -10.11 33.94
CA PRO C 211 9.23 -8.86 33.97
C PRO C 211 8.80 -8.35 32.59
N TYR C 212 7.62 -7.76 32.50
CA TYR C 212 7.18 -7.14 31.24
C TYR C 212 6.80 -5.66 31.49
N ILE C 213 7.21 -4.82 30.54
CA ILE C 213 7.17 -3.37 30.73
C ILE C 213 6.24 -2.74 29.68
N ASP C 214 5.48 -1.72 30.08
CA ASP C 214 4.86 -0.81 29.11
C ASP C 214 4.97 0.63 29.57
N VAL C 215 4.71 1.56 28.66
CA VAL C 215 4.54 2.98 28.97
C VAL C 215 3.08 3.30 28.70
N ASN C 216 2.39 3.70 29.76
CA ASN C 216 0.96 3.99 29.71
C ASN C 216 0.81 5.46 29.36
N LEU C 217 0.26 5.74 28.18
CA LEU C 217 -0.09 7.10 27.76
C LEU C 217 -1.53 7.36 28.19
N VAL C 218 -1.72 8.29 29.14
CA VAL C 218 -3.04 8.61 29.70
C VAL C 218 -3.35 10.06 29.35
N VAL C 219 -4.46 10.28 28.67
CA VAL C 219 -4.84 11.59 28.18
C VAL C 219 -6.25 11.92 28.65
N LYS C 220 -6.39 13.03 29.37
CA LYS C 220 -7.68 13.56 29.79
C LYS C 220 -7.98 14.78 28.95
N PHE C 221 -9.15 14.80 28.32
CA PHE C 221 -9.51 15.87 27.38
C PHE C 221 -11.01 16.15 27.32
N ARG C 222 -11.35 17.27 26.69
CA ARG C 222 -12.76 17.68 26.51
C ARG C 222 -12.92 18.50 25.24
N GLU C 223 -14.15 18.62 24.78
CA GLU C 223 -14.46 19.49 23.65
C GLU C 223 -14.15 20.92 24.04
N ARG C 224 -13.49 21.65 23.14
CA ARG C 224 -13.13 23.05 23.37
C ARG C 224 -14.38 23.92 23.56
N ARG C 225 -14.37 24.71 24.63
CA ARG C 225 -15.54 25.49 25.04
C ARG C 225 -15.38 26.92 24.50
N ALA C 226 -16.43 27.45 23.86
CA ALA C 226 -16.44 28.84 23.36
C ALA C 226 -16.33 29.87 24.51
N GLY C 227 -17.26 29.74 25.46
CA GLY C 227 -17.31 30.60 26.67
C GLY C 227 -17.06 29.88 28.00
N ASN C 228 -17.57 28.63 28.12
CA ASN C 228 -17.51 27.85 29.38
C ASN C 228 -16.07 27.54 29.85
N GLN D 20 25.93 -10.66 21.54
CA GLN D 20 25.72 -10.20 20.12
C GLN D 20 26.45 -11.13 19.14
N ALA D 21 27.74 -11.36 19.39
CA ALA D 21 28.59 -12.18 18.54
C ALA D 21 28.07 -13.60 18.34
N ASN D 22 27.69 -14.25 19.45
CA ASN D 22 27.13 -15.60 19.39
C ASN D 22 25.81 -15.68 18.64
N LEU D 23 24.93 -14.70 18.86
CA LEU D 23 23.62 -14.66 18.19
C LEU D 23 23.75 -14.47 16.68
N MET D 24 24.62 -13.55 16.27
CA MET D 24 24.94 -13.34 14.84
C MET D 24 25.45 -14.62 14.16
N ARG D 25 26.31 -15.35 14.87
CA ARG D 25 26.78 -16.67 14.41
C ARG D 25 25.64 -17.69 14.25
N LEU D 26 24.82 -17.80 15.28
CA LEU D 26 23.66 -18.71 15.29
C LEU D 26 22.70 -18.42 14.14
N LYS D 27 22.41 -17.15 13.91
CA LYS D 27 21.50 -16.76 12.84
C LYS D 27 22.13 -17.04 11.48
N SER D 28 23.42 -16.72 11.35
CA SER D 28 24.19 -17.05 10.14
C SER D 28 24.16 -18.57 9.85
N ASP D 29 24.41 -19.39 10.86
CA ASP D 29 24.40 -20.84 10.69
C ASP D 29 23.04 -21.42 10.29
N LEU D 30 21.94 -20.88 10.84
CA LEU D 30 20.59 -21.38 10.53
C LEU D 30 20.04 -20.89 9.19
N PHE D 31 20.28 -19.62 8.86
CA PHE D 31 19.60 -18.95 7.73
C PHE D 31 20.40 -18.79 6.45
N ASN D 32 21.69 -18.44 6.56
CA ASN D 32 22.54 -18.23 5.38
C ASN D 32 22.98 -19.55 4.72
N ARG D 33 23.24 -20.58 5.52
CA ARG D 33 23.68 -21.89 5.00
C ARG D 33 22.58 -22.62 4.28
N SER D 34 21.52 -22.96 5.01
CA SER D 34 20.40 -23.73 4.43
C SER D 34 19.49 -22.84 3.59
N PRO D 35 18.71 -23.46 2.68
CA PRO D 35 17.55 -22.72 2.16
C PRO D 35 16.44 -22.71 3.21
N MET D 36 15.45 -21.84 3.00
CA MET D 36 14.30 -21.77 3.88
C MET D 36 13.49 -23.07 3.81
N TYR D 37 12.84 -23.42 4.92
CA TYR D 37 11.94 -24.57 4.98
C TYR D 37 10.86 -24.38 3.90
N PRO D 38 10.69 -25.35 2.99
CA PRO D 38 9.77 -25.22 1.86
C PRO D 38 8.29 -25.48 2.17
N GLY D 39 7.99 -25.83 3.40
CA GLY D 39 6.62 -26.13 3.83
C GLY D 39 6.45 -27.64 3.98
N PRO D 40 5.32 -28.06 4.58
CA PRO D 40 5.08 -29.49 4.83
C PRO D 40 4.70 -30.27 3.59
N THR D 41 4.83 -31.60 3.68
CA THR D 41 4.41 -32.54 2.63
C THR D 41 3.62 -33.66 3.28
N LYS D 42 3.05 -34.56 2.47
CA LYS D 42 2.28 -35.70 2.99
C LYS D 42 3.09 -36.59 3.93
N ASP D 43 4.39 -36.73 3.67
CA ASP D 43 5.28 -37.59 4.48
C ASP D 43 5.95 -36.86 5.65
N ASP D 44 5.94 -35.53 5.63
CA ASP D 44 6.44 -34.70 6.75
C ASP D 44 5.42 -33.61 7.10
N PRO D 45 4.28 -34.03 7.69
CA PRO D 45 3.26 -33.05 8.05
C PRO D 45 3.66 -32.18 9.23
N LEU D 46 2.95 -31.07 9.36
CA LEU D 46 3.21 -30.09 10.39
C LEU D 46 1.95 -29.80 11.17
N THR D 47 2.08 -29.82 12.49
CA THR D 47 0.99 -29.40 13.37
C THR D 47 1.22 -27.94 13.77
N VAL D 48 0.20 -27.13 13.55
CA VAL D 48 0.20 -25.72 13.93
C VAL D 48 -0.88 -25.54 14.98
N THR D 49 -0.49 -25.02 16.14
CA THR D 49 -1.39 -24.80 17.25
C THR D 49 -1.77 -23.33 17.32
N LEU D 50 -3.08 -23.06 17.35
CA LEU D 50 -3.63 -21.69 17.35
C LEU D 50 -4.31 -21.37 18.65
N GLY D 51 -4.18 -20.13 19.10
CA GLY D 51 -4.96 -19.60 20.23
C GLY D 51 -5.29 -18.14 19.97
N PHE D 52 -6.56 -17.77 20.15
CA PHE D 52 -7.03 -16.42 19.90
C PHE D 52 -7.20 -15.64 21.20
N PHE D 53 -6.80 -14.37 21.15
CA PHE D 53 -6.87 -13.45 22.28
C PHE D 53 -7.66 -12.25 21.79
N LEU D 54 -8.96 -12.26 22.07
CA LEU D 54 -9.89 -11.28 21.54
C LEU D 54 -9.78 -9.96 22.32
N GLN D 55 -9.56 -8.86 21.61
CA GLN D 55 -9.39 -7.53 22.23
C GLN D 55 -10.61 -6.62 22.12
N ASP D 56 -11.31 -6.66 20.99
CA ASP D 56 -12.46 -5.75 20.78
C ASP D 56 -13.30 -6.20 19.61
N ILE D 57 -14.62 -6.16 19.76
CA ILE D 57 -15.53 -6.08 18.64
C ILE D 57 -15.72 -4.59 18.41
N VAL D 58 -15.15 -4.08 17.32
CA VAL D 58 -15.02 -2.63 17.11
C VAL D 58 -16.27 -2.06 16.47
N LYS D 59 -16.78 -2.76 15.47
CA LYS D 59 -18.01 -2.33 14.84
C LYS D 59 -18.81 -3.47 14.22
N VAL D 60 -20.06 -3.11 13.95
CA VAL D 60 -21.06 -3.98 13.40
C VAL D 60 -21.72 -3.16 12.29
N ASP D 61 -21.99 -3.80 11.15
CA ASP D 61 -22.69 -3.17 10.05
C ASP D 61 -23.86 -4.05 9.66
N SER D 62 -25.06 -3.65 10.09
CA SER D 62 -26.29 -4.39 9.83
C SER D 62 -26.81 -4.22 8.42
N SER D 63 -26.29 -3.25 7.67
CA SER D 63 -26.68 -3.09 6.27
C SER D 63 -25.85 -4.00 5.32
N THR D 64 -24.66 -4.42 5.74
CA THR D 64 -23.81 -5.34 4.94
C THR D 64 -23.53 -6.70 5.60
N ASN D 65 -23.99 -6.89 6.82
CA ASN D 65 -23.65 -8.07 7.64
C ASN D 65 -22.14 -8.35 7.67
N GLU D 66 -21.40 -7.30 8.03
CA GLU D 66 -19.98 -7.37 8.31
C GLU D 66 -19.77 -6.98 9.77
N VAL D 67 -18.89 -7.69 10.46
CA VAL D 67 -18.46 -7.34 11.81
C VAL D 67 -16.94 -7.30 11.85
N ASP D 68 -16.39 -6.32 12.60
CA ASP D 68 -14.97 -6.07 12.68
C ASP D 68 -14.42 -6.50 14.04
N LEU D 69 -13.44 -7.41 14.05
CA LEU D 69 -12.77 -7.83 15.28
C LEU D 69 -11.35 -7.38 15.30
N VAL D 70 -10.86 -7.03 16.49
CA VAL D 70 -9.46 -6.82 16.78
C VAL D 70 -9.06 -7.91 17.76
N TYR D 71 -7.99 -8.62 17.45
CA TYR D 71 -7.48 -9.72 18.25
C TYR D 71 -6.02 -9.95 17.94
N TYR D 72 -5.34 -10.71 18.79
CA TYR D 72 -4.09 -11.35 18.36
C TYR D 72 -4.22 -12.87 18.42
N GLU D 73 -3.36 -13.52 17.65
CA GLU D 73 -3.51 -14.90 17.27
C GLU D 73 -2.17 -15.57 17.52
N ARG D 74 -2.04 -16.32 18.60
CA ARG D 74 -0.80 -17.04 18.89
C ARG D 74 -0.69 -18.31 18.03
N GLN D 75 0.40 -18.41 17.25
CA GLN D 75 0.66 -19.54 16.36
C GLN D 75 1.95 -20.24 16.79
N ARG D 76 1.88 -21.56 16.93
CA ARG D 76 3.04 -22.38 17.37
C ARG D 76 3.23 -23.60 16.48
N TRP D 77 4.47 -23.82 16.07
CA TRP D 77 4.85 -25.01 15.32
C TRP D 77 6.32 -25.33 15.62
N LYS D 78 6.80 -26.46 15.12
CA LYS D 78 8.15 -26.95 15.44
C LYS D 78 8.84 -27.56 14.21
N LEU D 79 10.08 -27.16 13.97
CA LEU D 79 10.88 -27.65 12.84
C LEU D 79 12.27 -28.13 13.26
N ASN D 80 12.65 -29.32 12.81
CA ASN D 80 14.00 -29.88 13.06
C ASN D 80 15.11 -28.96 12.54
N SER D 81 14.91 -28.32 11.39
CA SER D 81 15.94 -27.47 10.77
C SER D 81 16.24 -26.18 11.54
N LEU D 82 15.42 -25.83 12.53
CA LEU D 82 15.69 -24.69 13.41
C LEU D 82 16.21 -25.08 14.81
N MET D 83 16.65 -26.33 14.99
CA MET D 83 17.21 -26.77 16.27
C MET D 83 18.68 -26.35 16.39
N TRP D 84 19.13 -26.10 17.62
CA TRP D 84 20.55 -25.97 17.91
C TRP D 84 20.83 -26.38 19.36
N ASP D 85 22.12 -26.62 19.64
CA ASP D 85 22.61 -26.88 20.98
C ASP D 85 23.04 -25.53 21.57
N PRO D 86 22.38 -25.07 22.66
CA PRO D 86 22.79 -23.83 23.33
C PRO D 86 24.28 -23.70 23.69
N ASN D 87 24.92 -24.82 24.04
CA ASN D 87 26.36 -24.84 24.39
C ASN D 87 27.31 -24.40 23.28
N GLU D 88 26.97 -24.70 22.03
CA GLU D 88 27.76 -24.22 20.89
C GLU D 88 27.56 -22.72 20.57
N TYR D 89 26.62 -22.07 21.25
CA TYR D 89 26.29 -20.66 20.98
C TYR D 89 26.05 -19.85 22.25
N GLY D 90 27.01 -19.90 23.17
CA GLY D 90 27.00 -19.09 24.40
C GLY D 90 25.76 -19.25 25.27
N ASN D 91 25.21 -20.45 25.29
CA ASN D 91 23.98 -20.79 26.04
C ASN D 91 22.74 -19.97 25.65
N ILE D 92 22.67 -19.53 24.39
CA ILE D 92 21.46 -18.92 23.85
C ILE D 92 20.40 -20.00 23.70
N THR D 93 19.27 -19.82 24.38
CA THR D 93 18.14 -20.76 24.34
C THR D 93 17.02 -20.35 23.36
N ASP D 94 16.95 -19.06 23.03
CA ASP D 94 16.01 -18.56 22.03
C ASP D 94 16.37 -17.16 21.56
N PHE D 95 15.78 -16.77 20.44
CA PHE D 95 15.98 -15.44 19.87
C PHE D 95 14.76 -14.96 19.09
N ARG D 96 14.80 -13.68 18.75
CA ARG D 96 13.76 -13.02 17.98
C ARG D 96 14.29 -12.69 16.61
N THR D 97 13.43 -12.82 15.60
CA THR D 97 13.82 -12.49 14.24
C THR D 97 12.61 -12.15 13.40
N SER D 98 12.85 -11.37 12.35
CA SER D 98 11.81 -11.02 11.39
C SER D 98 11.12 -12.28 10.84
N ALA D 99 9.80 -12.23 10.73
CA ALA D 99 9.02 -13.33 10.15
C ALA D 99 9.36 -13.60 8.68
N ALA D 100 9.96 -12.63 8.00
CA ALA D 100 10.47 -12.82 6.64
C ALA D 100 11.65 -13.81 6.57
N ASP D 101 12.41 -13.94 7.67
CA ASP D 101 13.54 -14.86 7.73
C ASP D 101 13.18 -16.36 7.80
N ILE D 102 11.91 -16.66 8.12
CA ILE D 102 11.44 -18.04 8.27
C ILE D 102 10.13 -18.31 7.53
N TRP D 103 9.82 -19.58 7.38
CA TRP D 103 8.53 -20.00 6.86
C TRP D 103 7.49 -19.73 7.96
N THR D 104 6.33 -19.23 7.54
CA THR D 104 5.18 -19.06 8.44
C THR D 104 3.96 -19.67 7.76
N PRO D 105 3.02 -20.22 8.56
CA PRO D 105 1.84 -20.83 7.98
C PRO D 105 0.89 -19.78 7.46
N ASP D 106 0.10 -20.17 6.45
CA ASP D 106 -0.75 -19.18 5.76
C ASP D 106 -2.19 -19.34 6.26
N ILE D 107 -2.33 -18.99 7.53
CA ILE D 107 -3.61 -19.13 8.23
C ILE D 107 -4.52 -18.00 7.77
N THR D 108 -5.68 -18.38 7.26
CA THR D 108 -6.58 -17.47 6.58
C THR D 108 -7.98 -17.60 7.15
N ALA D 109 -8.64 -16.47 7.33
CA ALA D 109 -10.06 -16.45 7.70
C ALA D 109 -10.86 -16.75 6.44
N ALA D 110 -11.73 -17.76 6.53
CA ALA D 110 -12.43 -18.27 5.36
C ALA D 110 -13.55 -17.34 4.87
N SER D 111 -14.08 -16.51 5.77
CA SER D 111 -15.22 -15.66 5.47
C SER D 111 -14.93 -14.16 5.74
N SER D 112 -13.69 -13.74 5.50
CA SER D 112 -13.33 -12.34 5.56
C SER D 112 -13.95 -11.62 4.38
N THR D 113 -14.21 -10.32 4.56
CA THR D 113 -14.72 -9.46 3.51
C THR D 113 -13.76 -8.34 3.09
N ARG D 114 -12.63 -8.20 3.80
CA ARG D 114 -11.58 -7.21 3.46
C ARG D 114 -10.24 -7.88 3.79
N PRO D 115 -9.15 -7.43 3.16
CA PRO D 115 -7.86 -7.91 3.65
C PRO D 115 -7.66 -7.61 5.13
N VAL D 116 -7.09 -8.58 5.84
CA VAL D 116 -6.74 -8.45 7.23
C VAL D 116 -5.74 -7.31 7.37
N GLN D 117 -5.94 -6.48 8.38
CA GLN D 117 -5.03 -5.37 8.66
C GLN D 117 -4.11 -5.77 9.80
N VAL D 118 -2.81 -5.65 9.56
CA VAL D 118 -1.77 -6.02 10.50
C VAL D 118 -1.56 -4.91 11.51
N LEU D 119 -1.65 -5.25 12.80
CA LEU D 119 -1.51 -4.29 13.91
C LEU D 119 -0.27 -4.47 14.79
N SER D 120 0.60 -5.41 14.45
CA SER D 120 1.80 -5.69 15.24
C SER D 120 3.01 -5.94 14.33
N PRO D 121 4.23 -5.79 14.85
CA PRO D 121 5.42 -6.08 14.05
C PRO D 121 5.49 -7.54 13.66
N GLN D 122 5.98 -7.81 12.46
CA GLN D 122 6.09 -9.18 11.95
C GLN D 122 7.41 -9.79 12.45
N ILE D 123 7.39 -10.20 13.73
CA ILE D 123 8.60 -10.75 14.39
C ILE D 123 8.19 -12.00 15.18
N ALA D 124 9.00 -13.05 15.08
CA ALA D 124 8.74 -14.34 15.74
C ALA D 124 9.82 -14.71 16.75
N VAL D 125 9.47 -15.61 17.66
CA VAL D 125 10.40 -16.12 18.67
C VAL D 125 10.76 -17.57 18.31
N VAL D 126 12.04 -17.86 18.17
CA VAL D 126 12.54 -19.20 17.83
C VAL D 126 13.31 -19.77 19.03
N THR D 127 12.97 -21.00 19.44
CA THR D 127 13.58 -21.66 20.60
C THR D 127 14.50 -22.78 20.14
N HIS D 128 15.50 -23.13 20.96
CA HIS D 128 16.58 -24.10 20.62
C HIS D 128 16.11 -25.49 20.16
N ASP D 129 14.95 -25.92 20.65
CA ASP D 129 14.33 -27.17 20.22
C ASP D 129 13.65 -27.11 18.83
N GLY D 130 13.74 -25.98 18.14
CA GLY D 130 13.09 -25.77 16.85
C GLY D 130 11.65 -25.25 16.90
N SER D 131 11.15 -24.94 18.10
CA SER D 131 9.81 -24.34 18.27
C SER D 131 9.80 -22.91 17.78
N VAL D 132 8.69 -22.53 17.17
CA VAL D 132 8.48 -21.15 16.73
C VAL D 132 7.16 -20.68 17.31
N MET D 133 7.16 -19.44 17.81
CA MET D 133 5.98 -18.78 18.30
C MET D 133 5.85 -17.44 17.57
N PHE D 134 4.70 -17.22 16.93
CA PHE D 134 4.43 -16.01 16.17
C PHE D 134 3.03 -15.52 16.54
N SER D 135 2.90 -14.25 16.94
CA SER D 135 1.64 -13.72 17.50
C SER D 135 1.13 -12.46 16.79
N PRO D 136 0.68 -12.60 15.54
CA PRO D 136 0.19 -11.42 14.81
C PRO D 136 -1.12 -10.85 15.39
N ALA D 137 -1.12 -9.55 15.61
CA ALA D 137 -2.34 -8.81 15.97
C ALA D 137 -3.01 -8.32 14.69
N GLN D 138 -4.33 -8.40 14.64
CA GLN D 138 -5.07 -8.23 13.40
C GLN D 138 -6.39 -7.52 13.61
N ARG D 139 -6.80 -6.77 12.60
CA ARG D 139 -8.19 -6.36 12.51
C ARG D 139 -8.81 -7.07 11.32
N LEU D 140 -9.94 -7.73 11.57
CA LEU D 140 -10.62 -8.58 10.61
C LEU D 140 -12.07 -8.16 10.44
N SER D 141 -12.49 -7.94 9.19
CA SER D 141 -13.90 -7.83 8.82
C SER D 141 -14.35 -9.18 8.27
N PHE D 142 -15.45 -9.71 8.80
CA PHE D 142 -15.96 -11.00 8.38
C PHE D 142 -17.49 -11.04 8.36
N MET D 143 -18.02 -12.05 7.70
CA MET D 143 -19.45 -12.18 7.45
C MET D 143 -20.20 -12.58 8.71
N CYS D 144 -21.13 -11.74 9.12
CA CYS D 144 -21.86 -11.92 10.37
C CYS D 144 -23.13 -11.08 10.34
N ASP D 145 -24.27 -11.73 10.55
CA ASP D 145 -25.57 -11.06 10.69
C ASP D 145 -25.74 -10.65 12.15
N PRO D 146 -25.67 -9.34 12.44
CA PRO D 146 -25.77 -8.88 13.82
C PRO D 146 -27.20 -8.71 14.35
N THR D 147 -28.22 -9.04 13.55
CA THR D 147 -29.62 -8.97 13.99
C THR D 147 -29.84 -9.68 15.33
N GLY D 148 -30.35 -8.95 16.31
CA GLY D 148 -30.52 -9.44 17.69
C GLY D 148 -29.41 -9.06 18.66
N VAL D 149 -28.45 -8.25 18.21
CA VAL D 149 -27.32 -7.84 19.06
C VAL D 149 -27.78 -6.96 20.24
N ASP D 150 -28.86 -6.20 20.01
CA ASP D 150 -29.52 -5.38 21.05
C ASP D 150 -30.61 -6.16 21.78
N SER D 151 -30.21 -7.24 22.45
CA SER D 151 -31.12 -8.07 23.23
C SER D 151 -30.29 -8.75 24.31
N GLU D 152 -30.97 -9.44 25.22
CA GLU D 152 -30.29 -10.17 26.31
C GLU D 152 -29.58 -11.41 25.79
N GLU D 153 -30.18 -12.08 24.83
CA GLU D 153 -29.63 -13.33 24.25
C GLU D 153 -28.42 -13.00 23.40
N GLY D 154 -28.45 -11.83 22.78
CA GLY D 154 -27.39 -11.36 21.93
C GLY D 154 -27.43 -12.07 20.58
N VAL D 155 -26.27 -12.18 19.95
CA VAL D 155 -26.15 -12.79 18.64
C VAL D 155 -24.88 -13.64 18.61
N THR D 156 -24.92 -14.71 17.81
CA THR D 156 -23.78 -15.59 17.63
C THR D 156 -23.28 -15.46 16.21
N CYS D 157 -21.97 -15.34 16.07
CA CYS D 157 -21.31 -15.34 14.76
C CYS D 157 -20.08 -16.23 14.81
N ALA D 158 -19.68 -16.70 13.64
CA ALA D 158 -18.58 -17.65 13.53
C ALA D 158 -17.70 -17.37 12.32
N VAL D 159 -16.40 -17.64 12.47
CA VAL D 159 -15.47 -17.56 11.36
C VAL D 159 -14.44 -18.68 11.50
N LYS D 160 -14.20 -19.39 10.40
CA LYS D 160 -13.24 -20.48 10.33
C LYS D 160 -11.87 -19.98 9.91
N PHE D 161 -10.85 -20.45 10.60
CA PHE D 161 -9.46 -20.21 10.23
C PHE D 161 -8.83 -21.49 9.73
N GLU D 162 -8.14 -21.40 8.60
CA GLU D 162 -7.63 -22.57 7.91
C GLU D 162 -6.42 -22.21 7.08
N SER D 163 -5.61 -23.21 6.77
CA SER D 163 -4.63 -23.06 5.70
C SER D 163 -5.41 -22.96 4.40
N TRP D 164 -5.06 -21.99 3.57
CA TRP D 164 -5.75 -21.83 2.29
C TRP D 164 -5.39 -22.94 1.28
N VAL D 165 -4.18 -23.47 1.38
CA VAL D 165 -3.64 -24.33 0.30
C VAL D 165 -3.27 -25.76 0.70
N TYR D 166 -3.11 -26.03 1.99
CA TYR D 166 -2.66 -27.33 2.47
C TYR D 166 -3.82 -28.13 3.05
N SER D 167 -3.89 -29.40 2.69
CA SER D 167 -4.87 -30.33 3.26
C SER D 167 -4.50 -30.74 4.68
N GLY D 168 -5.36 -31.56 5.29
CA GLY D 168 -5.10 -32.18 6.58
C GLY D 168 -3.89 -33.12 6.63
N PHE D 169 -3.51 -33.66 5.49
CA PHE D 169 -2.33 -34.51 5.37
C PHE D 169 -1.01 -33.73 5.37
N GLU D 170 -1.07 -32.41 5.19
CA GLU D 170 0.13 -31.56 5.25
C GLU D 170 0.16 -30.65 6.49
N ILE D 171 -0.96 -29.97 6.78
CA ILE D 171 -1.08 -29.15 7.99
C ILE D 171 -2.25 -29.64 8.82
N ASP D 172 -1.97 -29.98 10.07
CA ASP D 172 -2.99 -30.24 11.06
C ASP D 172 -3.07 -29.02 11.96
N LEU D 173 -4.25 -28.49 12.14
CA LEU D 173 -4.49 -27.40 13.10
C LEU D 173 -5.07 -27.90 14.39
N LYS D 174 -4.66 -27.31 15.50
CA LYS D 174 -5.33 -27.54 16.77
C LYS D 174 -5.24 -26.35 17.70
N THR D 175 -5.98 -26.45 18.81
CA THR D 175 -5.94 -25.48 19.89
C THR D 175 -5.46 -26.19 21.16
N ASP D 176 -4.85 -25.44 22.08
CA ASP D 176 -4.54 -26.01 23.42
C ASP D 176 -5.76 -25.97 24.32
N THR D 177 -6.58 -24.93 24.17
CA THR D 177 -7.82 -24.80 24.94
C THR D 177 -8.99 -24.45 24.01
N ASP D 178 -10.18 -24.92 24.36
CA ASP D 178 -11.42 -24.55 23.66
C ASP D 178 -11.92 -23.14 23.95
N GLN D 179 -11.42 -22.52 25.01
CA GLN D 179 -11.85 -21.18 25.42
C GLN D 179 -10.95 -20.09 24.89
N VAL D 180 -11.55 -19.12 24.21
CA VAL D 180 -10.83 -17.95 23.72
C VAL D 180 -10.45 -17.13 24.94
N ASP D 181 -9.22 -16.65 24.97
CA ASP D 181 -8.75 -15.81 26.05
C ASP D 181 -9.37 -14.41 25.92
N LEU D 182 -10.10 -14.00 26.95
CA LEU D 182 -10.76 -12.69 27.00
C LEU D 182 -10.07 -11.73 27.98
N SER D 183 -8.85 -12.04 28.40
CA SER D 183 -8.19 -11.27 29.45
C SER D 183 -7.71 -9.88 29.00
N SER D 184 -7.52 -9.68 27.69
CA SER D 184 -7.26 -8.35 27.12
C SER D 184 -8.50 -7.71 26.47
N TYR D 185 -9.70 -8.26 26.68
CA TYR D 185 -10.87 -7.70 26.03
C TYR D 185 -11.16 -6.32 26.61
N TYR D 186 -11.34 -5.34 25.72
CA TYR D 186 -11.57 -3.96 26.07
C TYR D 186 -12.84 -3.79 26.91
N ALA D 187 -12.66 -3.37 28.16
CA ALA D 187 -13.74 -3.30 29.15
C ALA D 187 -14.84 -2.30 28.82
N SER D 188 -14.52 -1.25 28.05
CA SER D 188 -15.54 -0.28 27.58
C SER D 188 -15.91 -0.43 26.10
N SER D 189 -15.74 -1.63 25.55
CA SER D 189 -16.23 -1.93 24.20
C SER D 189 -17.72 -1.67 24.13
N LYS D 190 -18.23 -1.35 22.95
CA LYS D 190 -19.67 -1.27 22.74
C LYS D 190 -20.34 -2.63 22.83
N TYR D 191 -19.56 -3.72 22.72
CA TYR D 191 -20.12 -5.08 22.74
C TYR D 191 -19.51 -5.92 23.85
N GLU D 192 -20.40 -6.60 24.56
CA GLU D 192 -20.08 -7.46 25.69
C GLU D 192 -19.99 -8.88 25.15
N ILE D 193 -18.93 -9.59 25.53
CA ILE D 193 -18.75 -10.99 25.14
C ILE D 193 -19.47 -11.91 26.13
N LEU D 194 -20.47 -12.65 25.62
CA LEU D 194 -21.20 -13.63 26.43
C LEU D 194 -20.50 -14.98 26.42
N SER D 195 -20.00 -15.39 25.26
CA SER D 195 -19.11 -16.55 25.15
C SER D 195 -18.24 -16.45 23.89
N ALA D 196 -17.09 -17.13 23.94
CA ALA D 196 -16.16 -17.16 22.83
C ALA D 196 -15.35 -18.46 22.86
N THR D 197 -15.57 -19.31 21.85
CA THR D 197 -14.88 -20.60 21.74
C THR D 197 -14.05 -20.72 20.47
N GLN D 198 -13.06 -21.61 20.54
CA GLN D 198 -12.15 -21.92 19.43
C GLN D 198 -12.02 -23.45 19.34
N THR D 199 -12.58 -24.02 18.28
CA THR D 199 -12.74 -25.47 18.18
C THR D 199 -12.27 -26.00 16.84
N ARG D 200 -11.38 -26.99 16.90
CA ARG D 200 -10.91 -27.72 15.71
C ARG D 200 -12.05 -28.48 15.02
N GLN D 201 -12.08 -28.41 13.69
CA GLN D 201 -13.07 -29.14 12.88
C GLN D 201 -12.40 -29.83 11.71
N VAL D 202 -12.95 -30.97 11.32
CA VAL D 202 -12.51 -31.74 10.15
C VAL D 202 -13.60 -31.61 9.08
N GLN D 203 -13.24 -31.03 7.93
CA GLN D 203 -14.13 -30.89 6.77
C GLN D 203 -13.76 -31.88 5.67
N HIS D 204 -14.78 -32.26 4.88
CA HIS D 204 -14.60 -33.04 3.66
C HIS D 204 -15.38 -32.40 2.51
N TYR D 205 -15.02 -32.75 1.27
CA TYR D 205 -15.83 -32.45 0.10
C TYR D 205 -15.95 -33.60 -0.89
N LYS D 206 -17.10 -33.69 -1.55
CA LYS D 206 -17.33 -34.66 -2.61
C LYS D 206 -16.48 -34.35 -3.85
N GLY D 209 -12.59 -35.38 -1.74
CA GLY D 209 -12.00 -36.62 -1.18
C GLY D 209 -11.10 -36.41 0.03
N GLU D 210 -10.19 -35.44 -0.08
CA GLU D 210 -9.16 -35.17 0.94
C GLU D 210 -9.66 -34.30 2.08
N PRO D 211 -9.28 -34.61 3.35
CA PRO D 211 -9.81 -33.85 4.48
C PRO D 211 -9.05 -32.52 4.72
N TYR D 212 -9.78 -31.48 5.10
CA TYR D 212 -9.13 -30.22 5.46
C TYR D 212 -9.58 -29.77 6.85
N ILE D 213 -8.68 -29.09 7.55
CA ILE D 213 -8.84 -28.75 8.97
C ILE D 213 -9.05 -27.26 9.16
N ASP D 214 -9.95 -26.89 10.06
CA ASP D 214 -10.08 -25.51 10.47
C ASP D 214 -10.24 -25.38 11.97
N VAL D 215 -10.03 -24.15 12.46
CA VAL D 215 -10.39 -23.78 13.82
C VAL D 215 -11.54 -22.80 13.72
N ASN D 216 -12.68 -23.20 14.29
CA ASN D 216 -13.89 -22.42 14.23
C ASN D 216 -13.90 -21.49 15.44
N LEU D 217 -13.82 -20.19 15.18
CA LEU D 217 -13.97 -19.16 16.20
C LEU D 217 -15.44 -18.77 16.27
N VAL D 218 -16.09 -19.07 17.40
CA VAL D 218 -17.52 -18.80 17.61
C VAL D 218 -17.64 -17.79 18.75
N VAL D 219 -18.29 -16.67 18.48
CA VAL D 219 -18.39 -15.58 19.44
C VAL D 219 -19.85 -15.19 19.60
N LYS D 220 -20.33 -15.25 20.84
CA LYS D 220 -21.67 -14.78 21.19
C LYS D 220 -21.52 -13.47 21.95
N PHE D 221 -22.23 -12.44 21.48
CA PHE D 221 -22.09 -11.09 22.04
C PHE D 221 -23.38 -10.26 21.98
N ARG D 222 -23.38 -9.13 22.70
CA ARG D 222 -24.51 -8.20 22.70
C ARG D 222 -24.04 -6.78 22.96
N GLU D 223 -24.90 -5.82 22.65
CA GLU D 223 -24.63 -4.42 22.96
C GLU D 223 -24.56 -4.28 24.47
N ARG D 224 -23.56 -3.55 24.97
CA ARG D 224 -23.39 -3.31 26.39
C ARG D 224 -24.59 -2.53 26.96
N ARG D 225 -25.12 -3.00 28.08
CA ARG D 225 -26.41 -2.51 28.60
C ARG D 225 -26.22 -1.41 29.64
N GLN E 20 11.25 -33.10 3.22
CA GLN E 20 11.84 -31.74 3.02
C GLN E 20 12.94 -31.76 1.95
N ALA E 21 13.90 -32.69 2.11
CA ALA E 21 15.07 -32.79 1.24
C ALA E 21 14.70 -33.03 -0.23
N ASN E 22 13.79 -33.97 -0.47
CA ASN E 22 13.33 -34.26 -1.83
C ASN E 22 12.57 -33.09 -2.47
N LEU E 23 11.72 -32.42 -1.69
CA LEU E 23 10.97 -31.27 -2.18
C LEU E 23 11.87 -30.09 -2.57
N MET E 24 12.84 -29.78 -1.72
CA MET E 24 13.86 -28.75 -2.02
C MET E 24 14.62 -29.04 -3.31
N ARG E 25 14.98 -30.31 -3.52
CA ARG E 25 15.59 -30.76 -4.77
C ARG E 25 14.69 -30.54 -5.98
N LEU E 26 13.44 -30.99 -5.87
CA LEU E 26 12.44 -30.84 -6.93
C LEU E 26 12.22 -29.39 -7.32
N LYS E 27 12.11 -28.52 -6.33
CA LYS E 27 11.90 -27.09 -6.58
C LYS E 27 13.14 -26.48 -7.21
N SER E 28 14.31 -26.85 -6.70
CA SER E 28 15.58 -26.44 -7.28
C SER E 28 15.69 -26.84 -8.77
N ASP E 29 15.37 -28.10 -9.07
CA ASP E 29 15.41 -28.59 -10.44
C ASP E 29 14.45 -27.87 -11.41
N LEU E 30 13.25 -27.55 -10.94
CA LEU E 30 12.24 -26.88 -11.79
C LEU E 30 12.47 -25.38 -11.97
N PHE E 31 12.87 -24.70 -10.89
CA PHE E 31 12.89 -23.21 -10.85
C PHE E 31 14.25 -22.54 -11.01
N ASN E 32 15.29 -23.08 -10.39
CA ASN E 32 16.64 -22.50 -10.45
C ASN E 32 17.35 -22.74 -11.79
N ARG E 33 17.13 -23.92 -12.39
CA ARG E 33 17.77 -24.30 -13.66
C ARG E 33 17.20 -23.47 -14.83
N SER E 34 15.91 -23.67 -15.09
CA SER E 34 15.24 -23.03 -16.22
C SER E 34 14.91 -21.56 -15.90
N PRO E 35 14.67 -20.75 -16.94
CA PRO E 35 13.97 -19.50 -16.71
C PRO E 35 12.47 -19.79 -16.51
N MET E 36 11.75 -18.81 -15.99
CA MET E 36 10.31 -18.91 -15.81
C MET E 36 9.62 -19.03 -17.19
N TYR E 37 8.49 -19.72 -17.23
CA TYR E 37 7.67 -19.82 -18.44
C TYR E 37 7.30 -18.39 -18.89
N PRO E 38 7.61 -18.02 -20.14
CA PRO E 38 7.42 -16.65 -20.61
C PRO E 38 6.00 -16.30 -21.03
N GLY E 39 5.09 -17.27 -20.98
CA GLY E 39 3.71 -17.10 -21.39
C GLY E 39 3.48 -17.76 -22.73
N PRO E 40 2.20 -17.86 -23.14
CA PRO E 40 1.85 -18.50 -24.40
C PRO E 40 2.16 -17.65 -25.62
N THR E 41 2.22 -18.30 -26.78
CA THR E 41 2.40 -17.65 -28.09
C THR E 41 1.37 -18.25 -29.06
N LYS E 42 1.30 -17.70 -30.27
CA LYS E 42 0.37 -18.20 -31.29
C LYS E 42 0.57 -19.68 -31.62
N ASP E 43 1.83 -20.15 -31.59
CA ASP E 43 2.16 -21.54 -31.90
C ASP E 43 2.12 -22.49 -30.70
N ASP E 44 2.15 -21.93 -29.49
CA ASP E 44 2.01 -22.71 -28.25
C ASP E 44 0.96 -22.08 -27.33
N PRO E 45 -0.32 -22.18 -27.73
CA PRO E 45 -1.37 -21.57 -26.92
C PRO E 45 -1.63 -22.33 -25.62
N LEU E 46 -2.31 -21.65 -24.71
CA LEU E 46 -2.56 -22.19 -23.39
C LEU E 46 -4.05 -22.09 -23.11
N THR E 47 -4.63 -23.19 -22.63
CA THR E 47 -5.99 -23.20 -22.17
C THR E 47 -5.99 -23.04 -20.65
N VAL E 48 -6.75 -22.04 -20.18
CA VAL E 48 -6.94 -21.78 -18.77
C VAL E 48 -8.40 -22.02 -18.45
N THR E 49 -8.65 -22.89 -17.48
CA THR E 49 -10.00 -23.24 -17.06
C THR E 49 -10.34 -22.47 -15.78
N LEU E 50 -11.48 -21.77 -15.80
CA LEU E 50 -11.96 -20.96 -14.67
C LEU E 50 -13.21 -21.55 -14.05
N GLY E 51 -13.29 -21.48 -12.73
CA GLY E 51 -14.52 -21.78 -11.99
C GLY E 51 -14.66 -20.79 -10.84
N PHE E 52 -15.85 -20.20 -10.71
CA PHE E 52 -16.13 -19.24 -9.64
C PHE E 52 -16.91 -19.88 -8.51
N PHE E 53 -16.54 -19.52 -7.28
CA PHE E 53 -17.15 -19.99 -6.06
C PHE E 53 -17.59 -18.75 -5.30
N LEU E 54 -18.85 -18.39 -5.47
CA LEU E 54 -19.38 -17.16 -4.93
C LEU E 54 -19.67 -17.30 -3.43
N GLN E 55 -19.12 -16.39 -2.62
CA GLN E 55 -19.27 -16.43 -1.16
C GLN E 55 -20.27 -15.43 -0.59
N ASP E 56 -20.32 -14.22 -1.15
CA ASP E 56 -21.19 -13.17 -0.62
C ASP E 56 -21.34 -12.02 -1.61
N ILE E 57 -22.56 -11.53 -1.78
CA ILE E 57 -22.77 -10.18 -2.28
C ILE E 57 -22.83 -9.33 -1.01
N VAL E 58 -21.79 -8.51 -0.82
CA VAL E 58 -21.58 -7.82 0.45
C VAL E 58 -22.33 -6.52 0.47
N LYS E 59 -22.28 -5.78 -0.64
CA LYS E 59 -22.85 -4.46 -0.71
C LYS E 59 -23.36 -4.07 -2.09
N VAL E 60 -24.31 -3.16 -2.08
CA VAL E 60 -24.92 -2.60 -3.25
C VAL E 60 -24.90 -1.08 -3.04
N ASP E 61 -24.56 -0.33 -4.09
CA ASP E 61 -24.62 1.12 -4.05
C ASP E 61 -25.45 1.61 -5.23
N SER E 62 -26.70 1.98 -4.93
CA SER E 62 -27.65 2.44 -5.95
C SER E 62 -27.41 3.86 -6.42
N SER E 63 -26.57 4.61 -5.71
CA SER E 63 -26.21 5.96 -6.16
C SER E 63 -25.04 5.96 -7.16
N THR E 64 -24.21 4.91 -7.14
CA THR E 64 -23.07 4.78 -8.09
C THR E 64 -23.15 3.58 -9.03
N ASN E 65 -24.17 2.73 -8.87
CA ASN E 65 -24.27 1.47 -9.58
C ASN E 65 -22.98 0.64 -9.51
N GLU E 66 -22.52 0.45 -8.28
CA GLU E 66 -21.42 -0.47 -7.94
C GLU E 66 -21.98 -1.55 -7.03
N VAL E 67 -21.57 -2.80 -7.28
CA VAL E 67 -21.88 -3.92 -6.41
C VAL E 67 -20.58 -4.64 -6.04
N ASP E 68 -20.49 -5.09 -4.78
CA ASP E 68 -19.30 -5.70 -4.23
C ASP E 68 -19.51 -7.20 -4.02
N LEU E 69 -18.68 -8.02 -4.66
CA LEU E 69 -18.72 -9.47 -4.49
C LEU E 69 -17.49 -9.96 -3.79
N VAL E 70 -17.68 -10.99 -2.97
CA VAL E 70 -16.60 -11.79 -2.40
C VAL E 70 -16.77 -13.19 -2.99
N TYR E 71 -15.68 -13.71 -3.55
CA TYR E 71 -15.65 -15.02 -4.19
C TYR E 71 -14.22 -15.53 -4.22
N TYR E 72 -14.07 -16.82 -4.48
CA TYR E 72 -12.79 -17.31 -4.96
C TYR E 72 -12.94 -17.90 -6.36
N GLU E 73 -11.81 -17.91 -7.06
CA GLU E 73 -11.75 -18.14 -8.49
C GLU E 73 -10.74 -19.22 -8.73
N ARG E 74 -11.18 -20.44 -8.99
CA ARG E 74 -10.26 -21.55 -9.29
C ARG E 74 -9.73 -21.44 -10.73
N GLN E 75 -8.42 -21.37 -10.87
CA GLN E 75 -7.75 -21.26 -12.17
C GLN E 75 -6.86 -22.49 -12.39
N ARG E 76 -7.00 -23.13 -13.55
CA ARG E 76 -6.24 -24.35 -13.88
C ARG E 76 -5.64 -24.27 -15.26
N TRP E 77 -4.35 -24.61 -15.35
CA TRP E 77 -3.65 -24.71 -16.64
C TRP E 77 -2.56 -25.76 -16.49
N LYS E 78 -1.89 -26.09 -17.60
CA LYS E 78 -0.93 -27.19 -17.63
C LYS E 78 0.29 -26.83 -18.49
N LEU E 79 1.48 -27.06 -17.94
CA LEU E 79 2.75 -26.76 -18.62
C LEU E 79 3.72 -27.95 -18.58
N ASN E 80 4.26 -28.31 -19.75
CA ASN E 80 5.30 -29.35 -19.86
C ASN E 80 6.52 -29.10 -18.97
N SER E 81 6.94 -27.83 -18.84
CA SER E 81 8.13 -27.48 -18.08
C SER E 81 8.00 -27.69 -16.56
N LEU E 82 6.78 -27.92 -16.07
CA LEU E 82 6.54 -28.24 -14.66
C LEU E 82 6.27 -29.73 -14.39
N MET E 83 6.54 -30.60 -15.35
CA MET E 83 6.34 -32.05 -15.18
C MET E 83 7.54 -32.66 -14.44
N TRP E 84 7.28 -33.71 -13.66
CA TRP E 84 8.34 -34.56 -13.12
C TRP E 84 7.82 -35.98 -12.91
N ASP E 85 8.77 -36.91 -12.73
CA ASP E 85 8.48 -38.29 -12.35
C ASP E 85 8.55 -38.36 -10.81
N PRO E 86 7.43 -38.69 -10.14
CA PRO E 86 7.45 -38.85 -8.68
C PRO E 86 8.54 -39.77 -8.11
N ASN E 87 8.89 -40.82 -8.85
CA ASN E 87 9.95 -41.78 -8.42
C ASN E 87 11.33 -41.19 -8.23
N GLU E 88 11.69 -40.20 -9.05
CA GLU E 88 12.95 -39.48 -8.88
C GLU E 88 12.97 -38.49 -7.69
N TYR E 89 11.82 -38.27 -7.04
CA TYR E 89 11.70 -37.30 -5.96
C TYR E 89 10.85 -37.80 -4.79
N GLY E 90 11.19 -38.98 -4.28
CA GLY E 90 10.57 -39.57 -3.09
C GLY E 90 9.06 -39.72 -3.17
N ASN E 91 8.55 -40.00 -4.38
CA ASN E 91 7.11 -40.16 -4.64
C ASN E 91 6.25 -38.92 -4.33
N ILE E 92 6.85 -37.73 -4.42
CA ILE E 92 6.10 -36.47 -4.33
C ILE E 92 5.25 -36.34 -5.60
N THR E 93 3.93 -36.25 -5.41
CA THR E 93 3.00 -36.10 -6.53
C THR E 93 2.54 -34.65 -6.77
N ASP E 94 2.68 -33.80 -5.75
CA ASP E 94 2.41 -32.37 -5.88
C ASP E 94 2.99 -31.58 -4.72
N PHE E 95 3.08 -30.27 -4.92
CA PHE E 95 3.56 -29.37 -3.89
C PHE E 95 2.93 -27.98 -4.01
N ARG E 96 3.14 -27.19 -2.97
CA ARG E 96 2.67 -25.83 -2.88
C ARG E 96 3.83 -24.88 -2.99
N THR E 97 3.62 -23.76 -3.66
CA THR E 97 4.66 -22.75 -3.78
C THR E 97 4.06 -21.37 -4.05
N SER E 98 4.80 -20.34 -3.67
CA SER E 98 4.40 -18.97 -3.91
C SER E 98 4.11 -18.75 -5.39
N ALA E 99 3.03 -18.03 -5.67
CA ALA E 99 2.64 -17.67 -7.04
C ALA E 99 3.69 -16.81 -7.76
N ALA E 100 4.55 -16.14 -6.99
CA ALA E 100 5.70 -15.41 -7.55
C ALA E 100 6.74 -16.33 -8.23
N ASP E 101 6.82 -17.58 -7.79
CA ASP E 101 7.75 -18.57 -8.36
C ASP E 101 7.38 -19.08 -9.76
N ILE E 102 6.14 -18.86 -10.18
CA ILE E 102 5.64 -19.35 -11.47
C ILE E 102 4.89 -18.28 -12.26
N TRP E 103 4.69 -18.55 -13.54
CA TRP E 103 3.82 -17.73 -14.36
C TRP E 103 2.37 -17.97 -13.93
N THR E 104 1.59 -16.90 -13.86
CA THR E 104 0.15 -16.98 -13.63
C THR E 104 -0.56 -16.15 -14.69
N PRO E 105 -1.78 -16.57 -15.09
CA PRO E 105 -2.51 -15.82 -16.09
C PRO E 105 -3.05 -14.52 -15.54
N ASP E 106 -3.24 -13.56 -16.44
CA ASP E 106 -3.56 -12.20 -16.07
C ASP E 106 -5.08 -11.94 -16.16
N ILE E 107 -5.83 -12.72 -15.41
CA ILE E 107 -7.29 -12.73 -15.51
C ILE E 107 -7.84 -11.50 -14.81
N THR E 108 -8.59 -10.70 -15.58
CA THR E 108 -9.01 -9.38 -15.16
C THR E 108 -10.52 -9.24 -15.36
N ALA E 109 -11.17 -8.60 -14.39
CA ALA E 109 -12.57 -8.23 -14.52
C ALA E 109 -12.64 -6.99 -15.40
N ALA E 110 -13.42 -7.06 -16.47
CA ALA E 110 -13.47 -6.00 -17.47
C ALA E 110 -14.18 -4.74 -16.99
N SER E 111 -15.08 -4.88 -16.03
CA SER E 111 -15.92 -3.74 -15.58
C SER E 111 -15.80 -3.47 -14.07
N SER E 112 -14.61 -3.71 -13.53
CA SER E 112 -14.31 -3.35 -12.13
C SER E 112 -14.27 -1.84 -12.01
N THR E 113 -14.58 -1.34 -10.81
CA THR E 113 -14.51 0.09 -10.50
C THR E 113 -13.48 0.43 -9.42
N ARG E 114 -12.88 -0.58 -8.79
CA ARG E 114 -11.82 -0.43 -7.79
C ARG E 114 -10.82 -1.55 -7.99
N PRO E 115 -9.56 -1.36 -7.55
CA PRO E 115 -8.69 -2.54 -7.57
C PRO E 115 -9.27 -3.70 -6.78
N VAL E 116 -9.09 -4.89 -7.31
CA VAL E 116 -9.46 -6.12 -6.63
C VAL E 116 -8.67 -6.21 -5.32
N GLN E 117 -9.35 -6.59 -4.25
CA GLN E 117 -8.73 -6.78 -2.96
C GLN E 117 -8.51 -8.26 -2.71
N VAL E 118 -7.27 -8.62 -2.43
CA VAL E 118 -6.84 -10.00 -2.29
C VAL E 118 -7.15 -10.47 -0.88
N LEU E 119 -7.88 -11.59 -0.77
CA LEU E 119 -8.31 -12.16 0.52
C LEU E 119 -7.67 -13.50 0.90
N SER E 120 -6.75 -14.00 0.07
CA SER E 120 -6.11 -15.28 0.31
C SER E 120 -4.61 -15.19 0.00
N PRO E 121 -3.81 -16.11 0.56
CA PRO E 121 -2.38 -16.12 0.25
C PRO E 121 -2.13 -16.42 -1.22
N GLN E 122 -1.12 -15.78 -1.80
CA GLN E 122 -0.78 -15.97 -3.20
C GLN E 122 0.11 -17.21 -3.33
N ILE E 123 -0.52 -18.38 -3.25
CA ILE E 123 0.15 -19.68 -3.25
C ILE E 123 -0.62 -20.62 -4.17
N ALA E 124 0.10 -21.38 -5.00
CA ALA E 124 -0.50 -22.32 -5.96
C ALA E 124 -0.08 -23.76 -5.69
N VAL E 125 -0.86 -24.69 -6.25
CA VAL E 125 -0.59 -26.12 -6.15
C VAL E 125 -0.12 -26.63 -7.51
N VAL E 126 1.06 -27.24 -7.55
CA VAL E 126 1.64 -27.81 -8.79
C VAL E 126 1.65 -29.33 -8.68
N THR E 127 1.14 -30.00 -9.71
CA THR E 127 1.03 -31.47 -9.74
C THR E 127 2.06 -32.03 -10.74
N HIS E 128 2.46 -33.28 -10.52
CA HIS E 128 3.55 -33.95 -11.29
C HIS E 128 3.38 -33.99 -12.81
N ASP E 129 2.13 -33.99 -13.27
CA ASP E 129 1.81 -33.90 -14.70
C ASP E 129 1.96 -32.49 -15.31
N GLY E 130 2.41 -31.52 -14.52
CA GLY E 130 2.54 -30.13 -14.97
C GLY E 130 1.30 -29.25 -14.79
N SER E 131 0.25 -29.80 -14.18
CA SER E 131 -0.97 -29.04 -13.87
C SER E 131 -0.69 -28.04 -12.75
N VAL E 132 -1.31 -26.87 -12.87
CA VAL E 132 -1.25 -25.86 -11.84
C VAL E 132 -2.68 -25.49 -11.48
N MET E 133 -2.92 -25.36 -10.19
CA MET E 133 -4.19 -24.91 -9.65
C MET E 133 -3.91 -23.72 -8.73
N PHE E 134 -4.57 -22.61 -8.99
CA PHE E 134 -4.40 -21.36 -8.24
C PHE E 134 -5.79 -20.82 -7.96
N SER E 135 -6.11 -20.58 -6.68
CA SER E 135 -7.47 -20.20 -6.25
C SER E 135 -7.53 -18.90 -5.47
N PRO E 136 -7.28 -17.76 -6.12
CA PRO E 136 -7.31 -16.48 -5.40
C PRO E 136 -8.73 -16.10 -4.94
N ALA E 137 -8.84 -15.75 -3.66
CA ALA E 137 -10.07 -15.19 -3.11
C ALA E 137 -10.00 -13.67 -3.22
N GLN E 138 -11.12 -13.05 -3.58
CA GLN E 138 -11.13 -11.67 -4.01
C GLN E 138 -12.36 -10.95 -3.54
N ARG E 139 -12.23 -9.66 -3.26
CA ARG E 139 -13.38 -8.78 -3.20
C ARG E 139 -13.31 -7.85 -4.38
N LEU E 140 -14.41 -7.80 -5.13
CA LEU E 140 -14.52 -7.07 -6.39
C LEU E 140 -15.68 -6.09 -6.34
N SER E 141 -15.42 -4.82 -6.66
CA SER E 141 -16.44 -3.83 -6.98
C SER E 141 -16.56 -3.74 -8.49
N PHE E 142 -17.77 -3.87 -9.01
CA PHE E 142 -17.99 -3.82 -10.45
C PHE E 142 -19.31 -3.13 -10.80
N MET E 143 -19.44 -2.76 -12.07
CA MET E 143 -20.56 -1.97 -12.54
C MET E 143 -21.84 -2.80 -12.61
N CYS E 144 -22.85 -2.36 -11.89
CA CYS E 144 -24.09 -3.09 -11.76
C CYS E 144 -25.18 -2.14 -11.25
N ASP E 145 -26.29 -2.05 -11.98
CA ASP E 145 -27.47 -1.30 -11.58
C ASP E 145 -28.35 -2.20 -10.71
N PRO E 146 -28.42 -1.93 -9.40
CA PRO E 146 -29.20 -2.76 -8.51
C PRO E 146 -30.71 -2.45 -8.45
N THR E 147 -31.19 -1.48 -9.23
CA THR E 147 -32.62 -1.14 -9.28
C THR E 147 -33.48 -2.39 -9.51
N GLY E 148 -34.42 -2.62 -8.59
CA GLY E 148 -35.28 -3.81 -8.60
C GLY E 148 -34.81 -4.97 -7.71
N VAL E 149 -33.77 -4.73 -6.92
CA VAL E 149 -33.20 -5.78 -6.06
C VAL E 149 -34.18 -6.19 -4.95
N ASP E 150 -35.01 -5.27 -4.51
CA ASP E 150 -36.10 -5.59 -3.52
C ASP E 150 -37.41 -5.93 -4.25
N SER E 151 -37.37 -7.05 -4.95
CA SER E 151 -38.53 -7.60 -5.64
C SER E 151 -38.34 -9.10 -5.75
N GLU E 152 -39.35 -9.81 -6.22
CA GLU E 152 -39.27 -11.28 -6.40
C GLU E 152 -38.35 -11.64 -7.57
N GLU E 153 -38.43 -10.84 -8.63
CA GLU E 153 -37.72 -11.02 -9.87
C GLU E 153 -36.22 -10.74 -9.65
N GLY E 154 -35.95 -9.81 -8.72
CA GLY E 154 -34.62 -9.44 -8.36
C GLY E 154 -33.98 -8.58 -9.45
N VAL E 155 -32.66 -8.65 -9.51
CA VAL E 155 -31.89 -7.92 -10.50
C VAL E 155 -30.78 -8.82 -11.06
N THR E 156 -30.43 -8.60 -12.32
CA THR E 156 -29.38 -9.37 -12.98
C THR E 156 -28.22 -8.43 -13.28
N CYS E 157 -27.02 -8.89 -12.96
CA CYS E 157 -25.80 -8.16 -13.28
C CYS E 157 -24.76 -9.12 -13.84
N ALA E 158 -23.83 -8.56 -14.60
CA ALA E 158 -22.83 -9.38 -15.30
C ALA E 158 -21.46 -8.71 -15.29
N VAL E 159 -20.43 -9.54 -15.24
CA VAL E 159 -19.06 -9.05 -15.37
C VAL E 159 -18.26 -10.11 -16.14
N LYS E 160 -17.50 -9.64 -17.13
CA LYS E 160 -16.65 -10.49 -17.96
C LYS E 160 -15.24 -10.58 -17.38
N PHE E 161 -14.71 -11.80 -17.34
CA PHE E 161 -13.33 -12.04 -16.96
C PHE E 161 -12.54 -12.47 -18.20
N GLU E 162 -11.37 -11.86 -18.37
CA GLU E 162 -10.58 -12.04 -19.57
C GLU E 162 -9.12 -11.79 -19.29
N SER E 163 -8.26 -12.34 -20.14
CA SER E 163 -6.89 -11.88 -20.20
C SER E 163 -6.87 -10.47 -20.71
N TRP E 164 -6.14 -9.59 -20.04
CA TRP E 164 -6.04 -8.21 -20.47
C TRP E 164 -5.23 -8.04 -21.75
N VAL E 165 -4.25 -8.91 -21.97
CA VAL E 165 -3.25 -8.68 -23.04
C VAL E 165 -3.16 -9.74 -24.13
N TYR E 166 -3.68 -10.94 -23.89
CA TYR E 166 -3.55 -12.07 -24.80
C TYR E 166 -4.85 -12.29 -25.58
N SER E 167 -4.72 -12.50 -26.89
CA SER E 167 -5.85 -12.86 -27.74
C SER E 167 -6.27 -14.31 -27.54
N GLY E 168 -7.32 -14.70 -28.25
CA GLY E 168 -7.79 -16.10 -28.30
C GLY E 168 -6.78 -17.08 -28.91
N PHE E 169 -5.86 -16.59 -29.72
CA PHE E 169 -4.80 -17.41 -30.31
C PHE E 169 -3.67 -17.71 -29.32
N GLU E 170 -3.61 -17.01 -28.18
CA GLU E 170 -2.61 -17.29 -27.14
C GLU E 170 -3.22 -17.91 -25.87
N ILE E 171 -4.31 -17.33 -25.39
CA ILE E 171 -5.03 -17.89 -24.23
C ILE E 171 -6.47 -18.17 -24.61
N ASP E 172 -6.85 -19.44 -24.43
CA ASP E 172 -8.23 -19.84 -24.54
C ASP E 172 -8.77 -20.02 -23.13
N LEU E 173 -9.88 -19.38 -22.83
CA LEU E 173 -10.55 -19.59 -21.54
C LEU E 173 -11.72 -20.54 -21.67
N LYS E 174 -11.92 -21.37 -20.67
CA LYS E 174 -13.14 -22.16 -20.56
C LYS E 174 -13.53 -22.44 -19.12
N THR E 175 -14.72 -23.00 -18.98
CA THR E 175 -15.23 -23.48 -17.70
C THR E 175 -15.47 -24.98 -17.80
N ASP E 176 -15.42 -25.69 -16.68
CA ASP E 176 -15.83 -27.12 -16.66
C ASP E 176 -17.34 -27.25 -16.55
N THR E 177 -17.97 -26.32 -15.84
CA THR E 177 -19.43 -26.29 -15.70
C THR E 177 -19.94 -24.87 -15.94
N ASP E 178 -21.16 -24.76 -16.48
CA ASP E 178 -21.85 -23.48 -16.64
C ASP E 178 -22.43 -22.90 -15.35
N GLN E 179 -22.53 -23.72 -14.31
CA GLN E 179 -23.11 -23.31 -13.03
C GLN E 179 -22.03 -22.88 -12.04
N VAL E 180 -22.19 -21.67 -11.51
CA VAL E 180 -21.32 -21.15 -10.46
C VAL E 180 -21.59 -21.97 -9.21
N ASP E 181 -20.52 -22.35 -8.52
CA ASP E 181 -20.66 -23.09 -7.28
C ASP E 181 -21.13 -22.13 -6.17
N LEU E 182 -22.27 -22.45 -5.58
CA LEU E 182 -22.86 -21.68 -4.49
C LEU E 182 -22.77 -22.38 -3.14
N SER E 183 -21.94 -23.40 -3.04
CA SER E 183 -21.89 -24.23 -1.83
C SER E 183 -21.22 -23.54 -0.63
N SER E 184 -20.40 -22.52 -0.87
CA SER E 184 -19.88 -21.65 0.20
C SER E 184 -20.61 -20.30 0.30
N TYR E 185 -21.76 -20.14 -0.35
CA TYR E 185 -22.45 -18.86 -0.29
C TYR E 185 -22.98 -18.64 1.13
N TYR E 186 -22.69 -17.47 1.69
CA TYR E 186 -23.08 -17.09 3.04
C TYR E 186 -24.61 -17.10 3.21
N ALA E 187 -25.09 -18.01 4.05
CA ALA E 187 -26.54 -18.25 4.22
C ALA E 187 -27.32 -17.07 4.82
N SER E 188 -26.64 -16.21 5.59
CA SER E 188 -27.26 -14.99 6.12
C SER E 188 -26.82 -13.69 5.40
N SER E 189 -26.40 -13.81 4.14
CA SER E 189 -26.15 -12.64 3.31
C SER E 189 -27.39 -11.75 3.25
N LYS E 190 -27.19 -10.46 3.03
CA LYS E 190 -28.32 -9.57 2.74
C LYS E 190 -28.98 -9.89 1.39
N TYR E 191 -28.29 -10.61 0.51
CA TYR E 191 -28.79 -10.93 -0.82
C TYR E 191 -28.84 -12.43 -1.07
N GLU E 192 -29.96 -12.85 -1.64
CA GLU E 192 -30.24 -14.22 -2.01
C GLU E 192 -29.85 -14.39 -3.48
N ILE E 193 -29.12 -15.45 -3.80
CA ILE E 193 -28.80 -15.80 -5.17
C ILE E 193 -29.93 -16.60 -5.81
N LEU E 194 -30.55 -16.04 -6.85
CA LEU E 194 -31.57 -16.74 -7.63
C LEU E 194 -30.98 -17.59 -8.73
N SER E 195 -29.96 -17.07 -9.40
CA SER E 195 -29.12 -17.86 -10.32
C SER E 195 -27.75 -17.22 -10.49
N ALA E 196 -26.78 -18.07 -10.83
CA ALA E 196 -25.42 -17.64 -11.09
C ALA E 196 -24.76 -18.55 -12.11
N THR E 197 -24.45 -18.00 -13.29
CA THR E 197 -23.81 -18.75 -14.38
C THR E 197 -22.45 -18.18 -14.76
N GLN E 198 -21.64 -19.07 -15.36
CA GLN E 198 -20.30 -18.75 -15.86
C GLN E 198 -20.14 -19.35 -17.26
N THR E 199 -20.09 -18.49 -18.27
CA THR E 199 -20.20 -18.93 -19.66
C THR E 199 -19.12 -18.29 -20.53
N ARG E 200 -18.39 -19.14 -21.23
CA ARG E 200 -17.40 -18.75 -22.23
C ARG E 200 -18.03 -17.96 -23.39
N GLN E 201 -17.39 -16.88 -23.80
CA GLN E 201 -17.83 -16.07 -24.95
C GLN E 201 -16.66 -15.72 -25.84
N VAL E 202 -16.95 -15.60 -27.14
CA VAL E 202 -15.97 -15.16 -28.15
C VAL E 202 -16.34 -13.76 -28.60
N GLN E 203 -15.42 -12.81 -28.38
CA GLN E 203 -15.57 -11.41 -28.82
C GLN E 203 -14.70 -11.11 -30.02
N HIS E 204 -15.13 -10.13 -30.81
CA HIS E 204 -14.33 -9.55 -31.91
C HIS E 204 -14.31 -8.02 -31.82
N TYR E 205 -13.32 -7.40 -32.43
CA TYR E 205 -12.95 -5.99 -32.15
C TYR E 205 -12.50 -5.29 -33.44
N GLY E 209 -10.53 -7.45 -36.01
CA GLY E 209 -9.32 -8.08 -36.55
C GLY E 209 -8.95 -9.44 -35.98
N GLU E 210 -9.16 -9.63 -34.67
CA GLU E 210 -8.64 -10.82 -33.94
C GLU E 210 -9.52 -11.19 -32.71
N PRO E 211 -9.76 -12.49 -32.50
CA PRO E 211 -10.75 -12.88 -31.48
C PRO E 211 -10.20 -12.91 -30.05
N TYR E 212 -11.01 -12.45 -29.09
CA TYR E 212 -10.61 -12.55 -27.69
C TYR E 212 -11.71 -13.25 -26.90
N ILE E 213 -11.31 -13.96 -25.86
CA ILE E 213 -12.18 -14.85 -25.08
C ILE E 213 -12.45 -14.29 -23.69
N ASP E 214 -13.70 -14.42 -23.24
CA ASP E 214 -14.00 -14.11 -21.85
C ASP E 214 -14.91 -15.17 -21.24
N VAL E 215 -14.97 -15.16 -19.91
CA VAL E 215 -15.95 -15.92 -19.16
C VAL E 215 -16.90 -14.90 -18.53
N ASN E 216 -18.17 -14.96 -18.93
CA ASN E 216 -19.19 -14.04 -18.48
C ASN E 216 -19.79 -14.60 -17.20
N LEU E 217 -19.58 -13.91 -16.09
CA LEU E 217 -20.21 -14.24 -14.82
C LEU E 217 -21.51 -13.44 -14.73
N VAL E 218 -22.65 -14.16 -14.73
CA VAL E 218 -23.98 -13.56 -14.70
C VAL E 218 -24.65 -13.99 -13.41
N VAL E 219 -25.05 -13.01 -12.60
CA VAL E 219 -25.62 -13.29 -11.27
C VAL E 219 -26.96 -12.57 -11.15
N LYS E 220 -27.99 -13.36 -10.87
CA LYS E 220 -29.33 -12.83 -10.60
C LYS E 220 -29.59 -12.98 -9.10
N PHE E 221 -29.97 -11.88 -8.46
CA PHE E 221 -30.12 -11.85 -7.00
C PHE E 221 -31.18 -10.87 -6.52
N ARG E 222 -31.55 -11.00 -5.24
CA ARG E 222 -32.54 -10.15 -4.60
C ARG E 222 -32.27 -9.99 -3.12
N GLU E 223 -32.86 -8.96 -2.53
CA GLU E 223 -32.77 -8.75 -1.09
C GLU E 223 -33.48 -9.89 -0.39
N ARG E 224 -32.83 -10.47 0.62
CA ARG E 224 -33.43 -11.41 1.55
C ARG E 224 -33.79 -10.44 2.69
N ARG E 225 -35.09 -10.38 3.02
CA ARG E 225 -35.58 -9.57 4.13
C ARG E 225 -35.68 -10.42 5.39
N ALA E 226 -35.12 -9.91 6.50
CA ALA E 226 -34.93 -10.66 7.76
C ALA E 226 -35.49 -9.91 8.96
N GLY E 227 -35.59 -10.62 10.08
CA GLY E 227 -36.04 -10.05 11.37
C GLY E 227 -37.46 -9.49 11.38
C1 NAG F . 28.63 18.61 -29.48
C2 NAG F . 28.74 17.77 -30.74
C3 NAG F . 30.16 17.88 -31.27
C4 NAG F . 30.54 19.36 -31.49
C5 NAG F . 30.19 20.25 -30.30
C6 NAG F . 30.40 21.73 -30.63
C7 NAG F . 27.34 15.70 -31.07
C8 NAG F . 26.53 16.33 -32.17
N2 NAG F . 28.32 16.39 -30.45
O3 NAG F . 30.26 17.13 -32.50
O4 NAG F . 31.96 19.48 -31.69
O5 NAG F . 28.85 19.98 -29.85
O6 NAG F . 29.26 22.54 -30.29
O7 NAG F . 27.09 14.55 -30.73
C1 NAG F . 32.38 19.52 -33.07
C2 NAG F . 33.74 20.22 -33.18
C3 NAG F . 34.24 20.22 -34.64
C4 NAG F . 34.09 18.85 -35.35
C5 NAG F . 32.70 18.27 -35.08
C6 NAG F . 32.42 16.90 -35.70
C7 NAG F . 33.95 22.01 -31.40
C8 NAG F . 34.57 21.07 -30.38
N2 NAG F . 33.62 21.57 -32.65
O3 NAG F . 35.60 20.67 -34.67
O4 NAG F . 34.29 18.94 -36.80
O5 NAG F . 32.46 18.23 -33.67
O6 NAG F . 33.38 15.91 -35.29
O7 NAG F . 33.78 23.18 -31.11
C1 NAG F . 35.68 18.81 -37.24
C2 NAG F . 35.90 18.15 -38.63
C3 NAG F . 37.41 17.93 -38.75
C4 NAG F . 38.17 19.25 -38.54
C5 NAG F . 37.73 20.01 -37.28
C6 NAG F . 38.38 21.40 -37.22
C7 NAG F . 35.14 16.13 -39.99
C8 NAG F . 34.24 14.93 -39.95
N2 NAG F . 35.13 16.91 -38.87
O3 NAG F . 37.76 17.36 -40.01
O4 NAG F . 39.56 18.97 -38.42
O5 NAG F . 36.30 20.10 -37.21
O6 NAG F . 37.88 22.14 -36.09
O7 NAG F . 35.82 16.33 -41.00
C01 J94 G . 3.55 21.17 -13.38
N02 J94 G . 4.75 20.81 -14.23
C03 J94 G . 4.28 19.82 -15.27
C04 J94 G . 5.77 20.10 -13.35
C05 J94 G . 6.47 20.92 -12.28
C06 J94 G . 6.65 22.38 -12.62
C07 J94 G . 6.00 22.96 -13.73
C08 J94 G . 6.05 24.35 -13.91
C09 J94 G . 6.82 25.11 -13.05
O10 J94 G . 7.09 26.46 -13.10
C11 J94 G . 8.03 26.70 -12.06
O12 J94 G . 8.26 25.47 -11.35
C13 J94 G . 7.52 24.52 -12.02
C14 J94 G . 7.42 23.17 -11.77
C15 J94 G . 5.34 22.11 -14.83
C16 J94 G . 6.27 21.90 -16.03
O17 J94 G . 7.20 20.81 -15.72
C18 J94 G . 8.49 21.25 -15.68
O19 J94 G . 9.38 20.51 -15.34
C20 J94 G . 8.50 22.66 -16.09
C21 J94 G . 9.53 23.59 -16.28
O22 J94 G . 10.89 23.46 -16.01
C23 J94 G . 11.46 24.71 -16.40
O24 J94 G . 10.42 25.57 -16.89
C25 J94 G . 9.25 24.83 -16.79
C26 J94 G . 7.96 25.21 -17.13
C27 J94 G . 6.94 24.30 -16.94
C28 J94 G . 7.19 23.03 -16.41
CL CL H . 12.98 -0.39 -22.61
C01 J94 I . 10.75 18.72 15.48
N02 J94 I . 11.73 18.01 14.58
C03 J94 I . 11.70 18.69 13.24
C04 J94 I . 11.25 16.57 14.41
C05 J94 I . 11.25 15.71 15.66
C06 J94 I . 12.22 16.15 16.73
C07 J94 I . 13.17 17.16 16.48
C08 J94 I . 14.10 17.50 17.47
C09 J94 I . 14.02 16.87 18.71
O10 J94 I . 14.77 17.10 19.83
C11 J94 I . 14.20 16.26 20.84
O12 J94 I . 13.08 15.55 20.28
C13 J94 I . 13.05 15.92 18.96
C14 J94 I . 12.16 15.54 17.97
C15 J94 I . 13.15 17.98 15.19
C16 J94 I . 14.31 17.53 14.28
O17 J94 I . 14.43 16.07 14.34
C18 J94 I . 15.69 15.70 14.74
O19 J94 I . 16.00 14.53 14.80
C20 J94 I . 16.48 16.92 14.95
C21 J94 I . 17.79 17.12 15.40
O22 J94 I . 18.73 16.20 15.83
C23 J94 I . 19.88 16.97 16.18
O24 J94 I . 19.62 18.35 15.90
C25 J94 I . 18.31 18.40 15.46
C26 J94 I . 17.56 19.50 15.08
C27 J94 I . 16.26 19.29 14.66
C28 J94 I . 15.71 18.02 14.62
CL CL J . 22.69 11.85 -5.25
C01 J94 K . 0.86 -8.62 24.56
N02 J94 K . 2.31 -9.02 24.68
C03 J94 K . 3.08 -7.84 25.22
C04 J94 K . 2.82 -9.35 23.28
C05 J94 K . 2.23 -10.58 22.62
C06 J94 K . 1.78 -11.64 23.59
C07 J94 K . 1.80 -11.43 24.99
C08 J94 K . 1.29 -12.39 25.86
C09 J94 K . 0.83 -13.57 25.33
O10 J94 K . 0.35 -14.67 26.00
C11 J94 K . 0.08 -15.64 24.98
O12 J94 K . 0.33 -15.05 23.71
C13 J94 K . 0.85 -13.81 23.98
C14 J94 K . 1.31 -12.86 23.09
C15 J94 K . 2.49 -10.26 25.58
C16 J94 K . 3.91 -10.69 26.01
O17 J94 K . 4.58 -11.35 24.88
C18 J94 K . 4.99 -12.59 25.22
O19 J94 K . 5.56 -13.30 24.41
C20 J94 K . 4.65 -12.84 26.63
C21 J94 K . 4.83 -13.95 27.48
O22 J94 K . 5.43 -15.16 27.22
C23 J94 K . 5.33 -15.90 28.44
O24 J94 K . 4.67 -15.08 29.42
C25 J94 K . 4.40 -13.89 28.78
C26 J94 K . 3.77 -12.76 29.29
C27 J94 K . 3.59 -11.68 28.46
C28 J94 K . 4.01 -11.70 27.13
CL CL L . 22.44 -1.29 14.16
C01 J94 M . -11.65 -24.06 -0.40
N02 J94 M . -10.15 -24.19 -0.29
C03 J94 M . -9.75 -23.72 1.09
C04 J94 M . -9.50 -23.25 -1.31
C05 J94 M . -9.86 -23.53 -2.75
C06 J94 M . -9.99 -25.00 -3.09
C07 J94 M . -9.95 -25.99 -2.09
C08 J94 M . -10.11 -27.33 -2.43
C09 J94 M . -10.25 -27.67 -3.76
O10 J94 M . -10.37 -28.92 -4.33
C11 J94 M . -10.49 -28.71 -5.73
O12 J94 M . -10.42 -27.29 -5.98
C13 J94 M . -10.27 -26.71 -4.74
C14 J94 M . -10.15 -25.37 -4.42
C15 J94 M . -9.71 -25.64 -0.62
C16 J94 M . -8.27 -26.05 -0.19
O17 J94 M . -7.32 -25.56 -1.20
C18 J94 M . -6.58 -26.57 -1.72
O19 J94 M . -5.76 -26.38 -2.58
C20 J94 M . -7.00 -27.83 -1.06
C21 J94 M . -6.62 -29.16 -1.26
O22 J94 M . -5.70 -29.70 -2.12
C23 J94 M . -5.76 -31.12 -1.90
O24 J94 M . -6.73 -31.39 -0.89
C25 J94 M . -7.23 -30.16 -0.51
C26 J94 M . -8.19 -29.87 0.45
C27 J94 M . -8.55 -28.54 0.63
C28 J94 M . -7.98 -27.53 -0.12
C1 NAG N . 27.27 -21.90 29.51
C2 NAG N . 28.19 -20.94 30.30
C3 NAG N . 29.06 -21.65 31.34
C4 NAG N . 28.24 -22.66 32.14
C5 NAG N . 27.65 -23.69 31.17
C6 NAG N . 26.94 -24.88 31.85
C7 NAG N . 28.66 -19.07 28.73
C8 NAG N . 29.65 -18.46 27.80
N2 NAG N . 29.03 -20.21 29.35
O3 NAG N . 29.65 -20.71 32.23
O4 NAG N . 29.06 -23.28 33.15
O5 NAG N . 26.76 -23.00 30.29
O6 NAG N . 26.46 -24.57 33.17
O7 NAG N . 27.57 -18.54 28.92
CL CL O . 12.18 -21.81 8.42
C01 J94 P . -9.92 -4.41 -24.73
N02 J94 P . -8.72 -5.24 -24.35
C03 J94 P . -9.22 -6.46 -23.62
C04 J94 P . -7.83 -4.44 -23.40
C05 J94 P . -7.26 -3.15 -23.93
C06 J94 P . -7.02 -3.16 -25.41
C07 J94 P . -7.22 -4.32 -26.18
C08 J94 P . -6.89 -4.34 -27.53
C09 J94 P . -6.39 -3.19 -28.11
O10 J94 P . -6.00 -2.98 -29.41
C11 J94 P . -5.61 -1.61 -29.48
O12 J94 P . -5.80 -1.02 -28.19
C13 J94 P . -6.24 -2.04 -27.38
C14 J94 P . -6.54 -2.00 -26.03
C15 J94 P . -7.84 -5.56 -25.58
C16 J94 P . -6.78 -6.67 -25.39
O17 J94 P . -5.47 -6.05 -25.16
C18 J94 P . -4.58 -6.39 -26.13
O19 J94 P . -3.45 -5.97 -26.12
C20 J94 P . -5.26 -7.31 -27.06
C21 J94 P . -4.85 -7.91 -28.26
O22 J94 P . -3.64 -7.82 -28.92
C23 J94 P . -3.81 -8.61 -30.11
O24 J94 P . -5.11 -9.18 -30.11
C25 J94 P . -5.71 -8.74 -28.95
C26 J94 P . -6.99 -9.02 -28.47
C27 J94 P . -7.39 -8.41 -27.29
C28 J94 P . -6.54 -7.55 -26.60
C1 NAG Q . 8.17 -44.83 -3.65
C2 NAG Q . 8.60 -45.32 -2.25
C3 NAG Q . 8.76 -46.86 -2.16
C4 NAG Q . 7.80 -47.62 -3.08
C5 NAG Q . 7.92 -47.06 -4.49
C6 NAG Q . 7.22 -47.88 -5.57
C7 NAG Q . 10.70 -44.80 -0.93
C8 NAG Q . 11.76 -43.73 -0.78
N2 NAG Q . 9.78 -44.52 -1.85
O3 NAG Q . 8.49 -47.29 -0.81
O4 NAG Q . 8.08 -49.04 -3.05
O5 NAG Q . 7.39 -45.74 -4.42
O6 NAG Q . 6.17 -48.69 -5.02
O7 NAG Q . 10.74 -45.82 -0.27
CL CL R . 6.38 -21.45 -14.70
#